data_5SVK
#
_entry.id   5SVK
#
_cell.length_a   173.150
_cell.length_b   173.150
_cell.length_c   173.150
_cell.angle_alpha   90.00
_cell.angle_beta   90.00
_cell.angle_gamma   90.00
#
_symmetry.space_group_name_H-M   'P 21 3'
#
loop_
_entity.id
_entity.type
_entity.pdbx_description
1 polymer 'P2X purinoceptor 3'
2 branched alpha-D-glucopyranose-(1-4)-alpha-D-glucopyranose
3 non-polymer "ADENOSINE-5'-TRIPHOSPHATE"
4 non-polymer 2-acetamido-2-deoxy-beta-D-glucopyranose
5 non-polymer 1,2-ETHANEDIOL
6 non-polymer '(CARBAMOYLMETHYL-CARBOXYMETHYL-AMINO)-ACETIC ACID'
7 water water
#
_entity_poly.entity_id   1
_entity_poly.type   'polypeptide(L)'
_entity_poly.pdbx_seq_one_letter_code
;GSRADFFTYETPKVIVVKSWTIGIINRVVQLLIISYFVGWVFLHEKAYQVRDTAIESSVVTKVKGSGLYANRVMDVSDYV
TPPQGTSVFVIITKMIVTENQMQGFCPESEEKYRCVSDSQCGPERLPGGGILTGRCVNYSSVLRTCEIQGWCPTEVDTVE
TPIMMEAENFTIFIKNSIRFPLFNFEKGNLLPNLTARDMKTCRFHPDKDPFCPILRVGDVVKFAGQDFAKLARTGGVLGI
KIGWVCDLDKAWDQCIPKYSFTRLDSVSEKSSVSPGYNFRFAKYYKMENGSEYRTLLKAFGIRFDVLVYGNAGKFNIIPT
IISSVAAFTSVGVGTVLCDIILLNFLKGADQYKAKKFEEVNET
;
_entity_poly.pdbx_strand_id   A,B
#
# COMPACT_ATOMS: atom_id res chain seq x y z
N PHE A 6 51.61 -5.42 65.83
CA PHE A 6 52.82 -6.21 65.64
C PHE A 6 53.15 -6.34 64.15
N PHE A 7 54.22 -5.66 63.73
CA PHE A 7 54.57 -5.55 62.32
C PHE A 7 55.20 -6.86 61.85
N THR A 8 54.35 -7.77 61.40
CA THR A 8 54.76 -9.06 60.86
C THR A 8 53.97 -9.35 59.61
N TYR A 9 54.64 -9.88 58.58
CA TYR A 9 54.03 -10.14 57.28
C TYR A 9 54.01 -11.65 57.04
N GLU A 10 52.81 -12.23 56.98
CA GLU A 10 52.67 -13.63 56.64
C GLU A 10 52.61 -13.81 55.13
N THR A 11 53.16 -14.93 54.67
CA THR A 11 53.03 -15.38 53.29
C THR A 11 53.07 -16.89 53.28
N PRO A 12 52.31 -17.55 52.39
CA PRO A 12 52.23 -19.00 52.44
C PRO A 12 53.42 -19.68 51.77
N LYS A 13 53.83 -20.81 52.33
CA LYS A 13 54.81 -21.66 51.67
C LYS A 13 54.15 -22.41 50.52
N VAL A 14 54.85 -22.51 49.40
CA VAL A 14 54.25 -22.93 48.14
C VAL A 14 55.13 -23.99 47.47
N ILE A 15 54.49 -25.02 46.94
CA ILE A 15 55.13 -25.96 46.03
C ILE A 15 55.24 -25.31 44.66
N VAL A 16 56.33 -25.57 43.95
CA VAL A 16 56.54 -24.95 42.64
C VAL A 16 56.81 -26.02 41.59
N VAL A 17 55.74 -26.72 41.18
CA VAL A 17 55.90 -27.75 40.16
C VAL A 17 56.54 -27.17 38.91
N LYS A 18 57.34 -27.99 38.22
CA LYS A 18 58.00 -27.58 36.99
C LYS A 18 57.60 -28.45 35.81
N SER A 19 56.58 -29.28 35.95
CA SER A 19 56.11 -30.09 34.83
C SER A 19 55.60 -29.20 33.70
N TRP A 20 55.94 -29.55 32.47
CA TRP A 20 55.52 -28.75 31.32
C TRP A 20 54.01 -28.83 31.10
N THR A 21 53.43 -30.01 31.34
CA THR A 21 52.00 -30.18 31.11
C THR A 21 51.18 -29.21 31.96
N ILE A 22 51.41 -29.21 33.27
CA ILE A 22 50.63 -28.34 34.15
C ILE A 22 51.02 -26.88 33.97
N GLY A 23 52.24 -26.61 33.50
CA GLY A 23 52.59 -25.25 33.13
C GLY A 23 51.73 -24.72 32.00
N ILE A 24 51.68 -25.46 30.88
CA ILE A 24 50.89 -25.02 29.74
C ILE A 24 49.42 -24.96 30.11
N ILE A 25 48.94 -25.95 30.87
CA ILE A 25 47.52 -25.99 31.21
C ILE A 25 47.16 -24.81 32.11
N ASN A 26 48.01 -24.49 33.09
CA ASN A 26 47.74 -23.36 33.96
C ASN A 26 47.79 -22.04 33.20
N ARG A 27 48.88 -21.80 32.46
CA ARG A 27 48.96 -20.58 31.66
C ARG A 27 47.80 -20.48 30.69
N VAL A 28 47.27 -21.61 30.23
CA VAL A 28 46.14 -21.60 29.32
C VAL A 28 44.87 -21.18 30.05
N VAL A 29 44.61 -21.75 31.23
CA VAL A 29 43.43 -21.34 31.99
C VAL A 29 43.51 -19.85 32.33
N GLN A 30 44.69 -19.38 32.71
CA GLN A 30 44.87 -17.96 32.98
C GLN A 30 44.58 -17.13 31.73
N LEU A 31 45.13 -17.55 30.58
CA LEU A 31 44.86 -16.83 29.35
C LEU A 31 43.37 -16.81 29.02
N LEU A 32 42.65 -17.88 29.38
CA LEU A 32 41.21 -17.91 29.14
C LEU A 32 40.48 -16.92 30.04
N ILE A 33 40.87 -16.84 31.32
CA ILE A 33 40.25 -15.86 32.20
C ILE A 33 40.52 -14.45 31.68
N ILE A 34 41.79 -14.14 31.42
CA ILE A 34 42.17 -12.82 30.93
C ILE A 34 41.40 -12.49 29.65
N SER A 35 41.33 -13.45 28.73
CA SER A 35 40.63 -13.20 27.47
C SER A 35 39.14 -12.98 27.69
N TYR A 36 38.54 -13.70 28.64
CA TYR A 36 37.14 -13.48 28.96
C TYR A 36 36.92 -12.07 29.47
N PHE A 37 37.80 -11.58 30.36
CA PHE A 37 37.62 -10.24 30.88
C PHE A 37 37.86 -9.19 29.81
N VAL A 38 38.91 -9.37 29.00
CA VAL A 38 39.24 -8.39 27.96
C VAL A 38 38.15 -8.35 26.90
N GLY A 39 37.58 -9.50 26.55
CA GLY A 39 36.67 -9.59 25.43
C GLY A 39 35.22 -9.34 25.78
N TRP A 40 34.76 -9.84 26.92
CA TRP A 40 33.35 -9.73 27.31
C TRP A 40 33.10 -8.62 28.32
N VAL A 41 33.86 -8.59 29.40
CA VAL A 41 33.61 -7.61 30.46
C VAL A 41 33.99 -6.21 29.99
N PHE A 42 35.08 -6.10 29.23
CA PHE A 42 35.58 -4.79 28.82
C PHE A 42 35.05 -4.36 27.46
N LEU A 43 35.15 -5.21 26.45
CA LEU A 43 34.75 -4.81 25.10
C LEU A 43 33.24 -4.83 24.93
N HIS A 44 32.62 -6.01 25.04
CA HIS A 44 31.19 -6.12 24.78
C HIS A 44 30.38 -5.34 25.81
N GLU A 45 30.67 -5.52 27.09
CA GLU A 45 29.93 -4.85 28.15
C GLU A 45 30.50 -3.49 28.51
N LYS A 46 31.57 -3.06 27.86
CA LYS A 46 32.15 -1.73 28.05
C LYS A 46 32.21 -1.34 29.52
N ALA A 47 32.81 -2.22 30.32
CA ALA A 47 32.97 -1.96 31.74
C ALA A 47 33.99 -0.87 32.04
N TYR A 48 34.71 -0.38 31.04
CA TYR A 48 35.72 0.65 31.22
C TYR A 48 35.15 2.06 31.21
N GLN A 49 33.83 2.23 31.15
CA GLN A 49 33.26 3.56 31.02
C GLN A 49 32.07 3.70 31.97
N VAL A 50 31.79 4.95 32.36
CA VAL A 50 30.60 5.26 33.14
C VAL A 50 29.41 5.37 32.22
N ARG A 51 28.23 5.10 32.79
CA ARG A 51 26.96 5.09 32.08
C ARG A 51 26.01 6.10 32.69
N ASP A 52 25.33 6.84 31.82
CA ASP A 52 24.24 7.72 32.21
C ASP A 52 22.94 7.16 31.64
N THR A 53 21.98 6.88 32.51
CA THR A 53 20.66 6.42 32.08
C THR A 53 19.56 7.45 32.31
N ALA A 54 19.79 8.46 33.16
CA ALA A 54 18.80 9.50 33.43
C ALA A 54 18.80 10.53 32.29
N ILE A 55 18.25 10.10 31.15
CA ILE A 55 18.19 10.95 29.97
C ILE A 55 17.07 11.97 30.12
N GLU A 56 17.35 13.22 29.76
CA GLU A 56 16.34 14.27 29.74
C GLU A 56 15.85 14.46 28.31
N SER A 57 14.53 14.30 28.11
CA SER A 57 13.96 14.33 26.77
C SER A 57 12.83 15.36 26.71
N SER A 58 12.71 16.00 25.56
CA SER A 58 11.62 16.92 25.26
C SER A 58 11.12 16.61 23.86
N VAL A 59 9.80 16.57 23.70
CA VAL A 59 9.17 16.25 22.44
C VAL A 59 8.14 17.31 22.13
N VAL A 60 8.23 17.91 20.95
CA VAL A 60 7.22 18.81 20.42
C VAL A 60 6.74 18.23 19.10
N THR A 61 5.43 18.19 18.90
CA THR A 61 4.87 17.60 17.69
C THR A 61 3.93 18.58 17.01
N LYS A 62 3.76 18.38 15.71
CA LYS A 62 2.82 19.17 14.92
C LYS A 62 2.35 18.35 13.73
N VAL A 63 1.05 18.29 13.49
CA VAL A 63 0.53 17.51 12.38
C VAL A 63 0.09 18.46 11.28
N LYS A 64 0.24 18.01 10.03
CA LYS A 64 -0.23 18.78 8.88
C LYS A 64 -0.95 17.86 7.91
N GLY A 65 -1.93 18.42 7.21
CA GLY A 65 -2.70 17.70 6.22
C GLY A 65 -4.16 18.10 6.30
N SER A 66 -4.85 17.91 5.17
CA SER A 66 -6.28 18.21 5.08
C SER A 66 -6.99 16.99 4.51
N GLY A 67 -8.23 16.80 4.93
CA GLY A 67 -8.99 15.66 4.48
C GLY A 67 -10.42 16.04 4.17
N LEU A 68 -11.10 15.16 3.44
CA LEU A 68 -12.52 15.30 3.18
C LEU A 68 -13.27 14.31 4.05
N TYR A 69 -14.17 14.82 4.87
CA TYR A 69 -15.00 13.99 5.74
C TYR A 69 -16.32 14.69 5.97
N ALA A 70 -17.42 13.94 5.86
CA ALA A 70 -18.76 14.52 5.96
C ALA A 70 -18.94 15.64 4.95
N ASN A 71 -18.25 15.52 3.81
CA ASN A 71 -18.30 16.51 2.74
C ASN A 71 -17.85 17.89 3.22
N ARG A 72 -16.97 17.91 4.22
CA ARG A 72 -16.29 19.13 4.64
C ARG A 72 -14.79 18.89 4.68
N VAL A 73 -14.04 19.97 4.58
CA VAL A 73 -12.58 19.89 4.71
C VAL A 73 -12.23 19.94 6.18
N MET A 74 -11.39 19.01 6.62
CA MET A 74 -10.92 18.94 7.99
C MET A 74 -9.43 19.24 8.00
N ASP A 75 -9.02 20.18 8.84
CA ASP A 75 -7.61 20.52 9.03
C ASP A 75 -7.20 20.20 10.46
N VAL A 76 -5.95 20.57 10.80
CA VAL A 76 -5.34 20.13 12.04
C VAL A 76 -6.27 20.39 13.23
N SER A 77 -6.90 21.56 13.27
CA SER A 77 -7.75 21.90 14.40
C SER A 77 -9.03 21.08 14.46
N ASP A 78 -9.39 20.40 13.37
CA ASP A 78 -10.59 19.57 13.40
C ASP A 78 -10.30 18.14 13.89
N TYR A 79 -9.13 17.59 13.54
CA TYR A 79 -8.93 16.15 13.69
C TYR A 79 -7.83 15.74 14.65
N VAL A 80 -6.99 16.66 15.11
CA VAL A 80 -5.95 16.35 16.09
C VAL A 80 -6.44 16.75 17.47
N THR A 81 -6.34 15.84 18.43
CA THR A 81 -6.64 16.16 19.81
C THR A 81 -5.82 15.31 20.78
N PRO A 82 -5.32 15.93 21.86
CA PRO A 82 -5.46 17.36 22.11
C PRO A 82 -4.55 18.19 21.20
N PRO A 83 -4.67 19.52 21.27
CA PRO A 83 -3.97 20.37 20.30
C PRO A 83 -2.59 20.84 20.71
N GLN A 84 -2.17 20.67 21.95
CA GLN A 84 -0.96 21.36 22.39
C GLN A 84 0.36 20.78 21.82
N GLY A 85 0.37 19.78 20.93
CA GLY A 85 1.60 19.29 20.34
C GLY A 85 2.58 18.67 21.31
N THR A 86 2.11 17.81 22.20
CA THR A 86 2.99 17.06 23.09
C THR A 86 3.33 15.71 22.44
N SER A 87 3.94 14.81 23.22
CA SER A 87 4.37 13.52 22.72
C SER A 87 3.22 12.53 22.59
N VAL A 88 2.02 12.88 23.01
CA VAL A 88 0.84 12.03 22.86
C VAL A 88 -0.27 12.86 22.23
N PHE A 89 -0.82 12.37 21.12
CA PHE A 89 -1.88 13.07 20.41
C PHE A 89 -2.64 12.05 19.58
N VAL A 90 -3.84 12.43 19.15
CA VAL A 90 -4.73 11.58 18.37
C VAL A 90 -5.00 12.26 17.04
N ILE A 91 -4.93 11.49 15.95
CA ILE A 91 -5.49 11.86 14.67
C ILE A 91 -6.81 11.12 14.49
N ILE A 92 -7.91 11.87 14.44
CA ILE A 92 -9.25 11.29 14.36
C ILE A 92 -9.49 10.84 12.92
N THR A 93 -9.71 9.54 12.74
CA THR A 93 -9.90 8.98 11.42
C THR A 93 -11.33 8.55 11.12
N LYS A 94 -12.23 8.61 12.09
CA LYS A 94 -13.60 8.20 11.87
C LYS A 94 -14.48 8.83 12.94
N MET A 95 -15.70 9.21 12.57
CA MET A 95 -16.57 9.91 13.51
C MET A 95 -18.01 9.42 13.36
N ILE A 96 -18.72 9.46 14.49
CA ILE A 96 -20.17 9.30 14.53
C ILE A 96 -20.72 10.56 15.17
N VAL A 97 -21.43 11.37 14.38
CA VAL A 97 -21.84 12.70 14.78
C VAL A 97 -23.33 12.70 15.07
N THR A 98 -23.73 13.37 16.14
CA THR A 98 -25.11 13.52 16.56
C THR A 98 -25.35 15.01 16.76
N GLU A 99 -26.01 15.64 15.80
CA GLU A 99 -26.13 17.10 15.80
C GLU A 99 -27.25 17.57 16.70
N ASN A 100 -27.07 18.77 17.26
CA ASN A 100 -28.13 19.53 17.93
C ASN A 100 -28.85 18.70 18.99
N GLN A 101 -28.09 18.14 19.92
CA GLN A 101 -28.68 17.54 21.10
C GLN A 101 -29.14 18.62 22.07
N MET A 102 -30.25 18.36 22.77
CA MET A 102 -30.76 19.25 23.79
C MET A 102 -31.25 18.43 24.98
N GLN A 103 -31.22 19.05 26.15
CA GLN A 103 -31.69 18.39 27.35
C GLN A 103 -33.20 18.18 27.27
N GLY A 104 -33.63 16.92 27.43
CA GLY A 104 -35.05 16.59 27.36
C GLY A 104 -35.35 15.14 27.62
N PHE A 105 -36.45 14.64 27.04
CA PHE A 105 -36.81 13.23 27.11
C PHE A 105 -36.86 12.67 25.69
N CYS A 106 -36.49 11.40 25.56
CA CYS A 106 -36.49 10.76 24.25
C CYS A 106 -36.17 9.28 24.43
N PRO A 107 -36.46 8.46 23.42
CA PRO A 107 -36.19 7.02 23.52
C PRO A 107 -34.79 6.64 23.04
N GLU A 108 -34.23 5.65 23.71
CA GLU A 108 -32.98 5.08 23.23
C GLU A 108 -33.19 4.47 21.84
N SER A 109 -32.14 4.53 21.03
CA SER A 109 -32.23 3.99 19.68
C SER A 109 -31.59 2.61 19.54
N GLU A 110 -30.68 2.25 20.43
CA GLU A 110 -30.05 0.94 20.35
C GLU A 110 -31.06 -0.17 20.65
N GLU A 111 -30.99 -1.25 19.87
CA GLU A 111 -31.87 -2.38 20.10
C GLU A 111 -31.67 -2.99 21.48
N LYS A 112 -30.50 -2.78 22.08
CA LYS A 112 -30.22 -3.30 23.41
C LYS A 112 -31.15 -2.76 24.47
N TYR A 113 -31.91 -1.69 24.17
CA TYR A 113 -32.84 -1.10 25.12
C TYR A 113 -34.30 -1.38 24.73
N ARG A 114 -34.53 -2.39 23.90
CA ARG A 114 -35.88 -2.72 23.46
C ARG A 114 -36.78 -3.08 24.63
N CYS A 115 -37.99 -2.52 24.62
CA CYS A 115 -38.98 -2.76 25.67
C CYS A 115 -40.36 -2.93 25.05
N VAL A 116 -41.15 -3.84 25.62
CA VAL A 116 -42.54 -3.99 25.23
C VAL A 116 -43.43 -3.28 26.25
N SER A 117 -43.01 -3.31 27.52
CA SER A 117 -43.78 -2.74 28.61
C SER A 117 -42.87 -1.92 29.52
N ASP A 118 -43.49 -0.97 30.23
CA ASP A 118 -42.75 -0.08 31.12
C ASP A 118 -42.01 -0.85 32.22
N SER A 119 -42.39 -2.10 32.48
CA SER A 119 -41.75 -2.87 33.55
C SER A 119 -40.28 -3.11 33.26
N GLN A 120 -39.94 -3.32 31.99
CA GLN A 120 -38.56 -3.64 31.62
C GLN A 120 -37.61 -2.46 31.81
N CYS A 121 -38.13 -1.24 31.92
CA CYS A 121 -37.31 -0.04 32.05
C CYS A 121 -37.01 0.20 33.52
N GLY A 122 -35.82 -0.22 33.95
CA GLY A 122 -35.40 -0.05 35.31
C GLY A 122 -33.89 -0.11 35.46
N PRO A 123 -33.41 -0.48 36.65
CA PRO A 123 -31.96 -0.44 36.90
C PRO A 123 -31.16 -1.45 36.09
N GLU A 124 -31.81 -2.45 35.49
CA GLU A 124 -31.07 -3.52 34.84
C GLU A 124 -30.23 -3.01 33.67
N ARG A 125 -30.62 -1.89 33.06
CA ARG A 125 -29.91 -1.32 31.92
C ARG A 125 -29.57 0.14 32.23
N LEU A 126 -28.61 0.35 33.14
CA LEU A 126 -28.16 1.70 33.44
C LEU A 126 -27.17 2.24 32.39
N PRO A 127 -26.35 1.39 31.76
CA PRO A 127 -25.31 1.93 30.88
C PRO A 127 -25.89 2.63 29.66
N GLY A 128 -25.29 3.76 29.30
CA GLY A 128 -25.61 4.43 28.07
C GLY A 128 -26.60 5.56 28.26
N GLY A 129 -26.68 6.42 27.25
CA GLY A 129 -27.64 7.52 27.25
C GLY A 129 -27.63 8.31 28.55
N GLY A 130 -28.83 8.56 29.06
CA GLY A 130 -28.99 9.28 30.31
C GLY A 130 -29.66 8.45 31.39
N ILE A 131 -30.62 9.05 32.10
CA ILE A 131 -31.36 8.38 33.16
C ILE A 131 -32.69 7.92 32.62
N LEU A 132 -33.06 6.68 32.93
CA LEU A 132 -34.34 6.14 32.48
C LEU A 132 -35.49 6.81 33.22
N THR A 133 -36.59 7.05 32.48
CA THR A 133 -37.81 7.52 33.13
C THR A 133 -38.64 6.38 33.70
N GLY A 134 -38.39 5.15 33.26
CA GLY A 134 -39.24 4.03 33.58
C GLY A 134 -40.30 3.74 32.54
N ARG A 135 -40.65 4.73 31.71
CA ARG A 135 -41.61 4.55 30.64
C ARG A 135 -40.98 3.81 29.45
N CYS A 136 -41.85 3.18 28.66
CA CYS A 136 -41.48 2.51 27.43
C CYS A 136 -42.18 3.24 26.29
N VAL A 137 -41.40 3.72 25.31
CA VAL A 137 -41.92 4.63 24.29
C VAL A 137 -41.53 4.10 22.91
N ASN A 138 -42.08 4.74 21.89
CA ASN A 138 -41.92 4.33 20.50
C ASN A 138 -40.70 5.03 19.92
N TYR A 139 -39.67 4.25 19.56
CA TYR A 139 -38.58 4.82 18.77
C TYR A 139 -38.98 4.95 17.31
N SER A 140 -39.58 3.89 16.76
CA SER A 140 -40.13 3.90 15.41
C SER A 140 -41.36 3.02 15.42
N SER A 141 -41.98 2.89 14.25
CA SER A 141 -43.15 2.01 14.12
C SER A 141 -42.77 0.55 14.36
N VAL A 142 -41.51 0.18 14.16
CA VAL A 142 -41.08 -1.21 14.28
C VAL A 142 -40.44 -1.48 15.65
N LEU A 143 -39.79 -0.48 16.23
CA LEU A 143 -39.01 -0.65 17.46
C LEU A 143 -39.51 0.25 18.56
N ARG A 144 -39.48 -0.26 19.80
CA ARG A 144 -39.85 0.48 21.00
C ARG A 144 -38.73 0.33 22.02
N THR A 145 -38.43 1.42 22.73
CA THR A 145 -37.30 1.44 23.65
C THR A 145 -37.63 2.28 24.88
N CYS A 146 -36.82 2.09 25.91
CA CYS A 146 -37.04 2.79 27.17
C CYS A 146 -36.77 4.27 27.02
N GLU A 147 -37.65 5.09 27.59
CA GLU A 147 -37.46 6.53 27.55
C GLU A 147 -36.37 6.94 28.54
N ILE A 148 -35.57 7.92 28.15
CA ILE A 148 -34.52 8.45 29.00
C ILE A 148 -34.61 9.96 29.01
N GLN A 149 -34.13 10.56 30.09
CA GLN A 149 -33.96 11.99 30.22
C GLN A 149 -32.47 12.32 30.09
N GLY A 150 -32.14 13.23 29.21
CA GLY A 150 -30.76 13.59 28.99
C GLY A 150 -30.61 14.30 27.65
N TRP A 151 -29.46 14.07 27.02
CA TRP A 151 -29.18 14.70 25.75
C TRP A 151 -29.93 13.96 24.64
N CYS A 152 -30.77 14.69 23.93
CA CYS A 152 -31.69 14.14 22.95
C CYS A 152 -31.53 14.82 21.60
N PRO A 153 -31.61 14.03 20.52
CA PRO A 153 -31.82 12.58 20.56
C PRO A 153 -30.55 11.83 20.92
N THR A 154 -30.70 10.58 21.34
CA THR A 154 -29.53 9.76 21.61
C THR A 154 -28.82 9.38 20.30
N GLU A 155 -27.59 8.93 20.44
CA GLU A 155 -26.75 8.54 19.31
C GLU A 155 -27.24 7.23 18.71
N VAL A 156 -26.98 7.04 17.41
CA VAL A 156 -27.34 5.80 16.72
C VAL A 156 -26.12 5.22 16.03
N ASP A 157 -25.97 3.90 16.11
CA ASP A 157 -24.86 3.15 15.52
C ASP A 157 -25.35 1.97 14.69
N THR A 158 -26.38 2.16 13.87
CA THR A 158 -26.87 1.03 13.07
C THR A 158 -26.02 0.77 11.83
N VAL A 159 -25.55 1.83 11.16
CA VAL A 159 -24.74 1.69 9.96
C VAL A 159 -23.38 2.33 10.19
N GLU A 160 -22.34 1.71 9.67
CA GLU A 160 -20.99 2.16 9.94
C GLU A 160 -20.60 3.33 9.05
N THR A 161 -20.01 4.35 9.66
CA THR A 161 -19.56 5.55 8.97
C THR A 161 -18.22 5.29 8.28
N PRO A 162 -17.89 6.11 7.28
CA PRO A 162 -16.63 5.91 6.57
C PRO A 162 -15.45 6.50 7.34
N ILE A 163 -14.25 6.10 6.92
CA ILE A 163 -13.02 6.63 7.49
C ILE A 163 -12.50 7.74 6.61
N MET A 164 -11.58 8.53 7.16
CA MET A 164 -10.94 9.63 6.45
C MET A 164 -9.67 9.10 5.79
N MET A 165 -9.83 8.58 4.57
CA MET A 165 -8.71 7.92 3.91
C MET A 165 -7.51 8.84 3.78
N GLU A 166 -7.76 10.12 3.49
CA GLU A 166 -6.68 11.08 3.32
C GLU A 166 -5.72 11.09 4.50
N ALA A 167 -6.16 10.65 5.68
CA ALA A 167 -5.30 10.70 6.86
C ALA A 167 -4.02 9.92 6.66
N GLU A 168 -4.04 8.90 5.81
CA GLU A 168 -2.82 8.15 5.52
C GLU A 168 -1.69 9.05 5.06
N ASN A 169 -2.01 10.25 4.58
CA ASN A 169 -1.04 11.16 3.96
C ASN A 169 -0.66 12.35 4.83
N PHE A 170 -1.24 12.48 6.02
CA PHE A 170 -0.84 13.54 6.92
C PHE A 170 0.64 13.38 7.30
N THR A 171 1.22 14.46 7.80
CA THR A 171 2.60 14.42 8.24
C THR A 171 2.69 14.80 9.71
N ILE A 172 3.65 14.18 10.40
CA ILE A 172 3.93 14.41 11.80
C ILE A 172 5.33 14.99 11.90
N PHE A 173 5.42 16.20 12.45
CA PHE A 173 6.69 16.83 12.75
C PHE A 173 7.04 16.53 14.19
N ILE A 174 8.21 15.92 14.39
CA ILE A 174 8.71 15.55 15.72
C ILE A 174 10.00 16.31 15.93
N LYS A 175 9.98 17.27 16.84
CA LYS A 175 11.19 17.94 17.29
C LYS A 175 11.53 17.38 18.66
N ASN A 176 12.60 16.59 18.72
CA ASN A 176 13.00 15.88 19.93
C ASN A 176 14.38 16.39 20.36
N SER A 177 14.47 16.86 21.61
CA SER A 177 15.73 17.32 22.17
C SER A 177 16.07 16.45 23.37
N ILE A 178 17.29 15.94 23.42
CA ILE A 178 17.71 15.08 24.52
C ILE A 178 19.05 15.57 25.05
N ARG A 179 19.27 15.24 26.33
CA ARG A 179 20.47 15.64 27.03
C ARG A 179 20.83 14.59 28.07
N PHE A 180 22.07 14.10 28.00
CA PHE A 180 22.64 13.30 29.08
C PHE A 180 23.35 14.25 30.03
N PRO A 181 22.81 14.49 31.23
CA PRO A 181 23.41 15.52 32.11
C PRO A 181 24.77 15.12 32.66
N LEU A 182 24.99 13.82 32.91
CA LEU A 182 26.26 13.39 33.46
C LEU A 182 27.43 13.86 32.61
N PHE A 183 27.30 13.77 31.29
CA PHE A 183 28.35 14.22 30.38
C PHE A 183 28.08 15.59 29.79
N ASN A 184 27.04 16.27 30.26
CA ASN A 184 26.64 17.56 29.70
C ASN A 184 26.61 17.47 28.17
N PHE A 185 25.83 16.51 27.67
CA PHE A 185 25.75 16.21 26.24
C PHE A 185 24.34 16.51 25.74
N GLU A 186 24.25 17.28 24.66
CA GLU A 186 22.96 17.67 24.11
C GLU A 186 22.90 17.36 22.62
N LYS A 187 21.78 16.78 22.18
CA LYS A 187 21.56 16.55 20.76
C LYS A 187 20.09 16.31 20.52
N GLY A 188 19.67 16.53 19.26
CA GLY A 188 18.28 16.34 18.88
C GLY A 188 18.18 15.76 17.49
N ASN A 189 16.96 15.37 17.12
CA ASN A 189 16.77 14.83 15.78
C ASN A 189 16.71 15.93 14.72
N LEU A 190 16.66 17.20 15.11
CA LEU A 190 16.87 18.33 14.20
C LEU A 190 18.33 18.76 14.27
N LEU A 191 19.13 18.37 13.28
CA LEU A 191 20.52 18.77 13.30
C LEU A 191 20.61 20.28 13.03
N PRO A 192 21.63 20.94 13.58
CA PRO A 192 21.72 22.40 13.42
C PRO A 192 21.86 22.86 11.98
N ASN A 193 22.25 21.98 11.06
CA ASN A 193 22.40 22.31 9.65
C ASN A 193 21.18 21.94 8.82
N LEU A 194 20.07 21.63 9.46
CA LEU A 194 18.84 21.36 8.73
C LEU A 194 18.28 22.65 8.16
N THR A 195 17.96 22.63 6.88
CA THR A 195 17.55 23.81 6.13
C THR A 195 16.08 23.71 5.75
N ALA A 196 15.49 24.85 5.40
CA ALA A 196 14.11 24.84 4.94
C ALA A 196 13.93 23.88 3.76
N ARG A 197 14.91 23.85 2.85
CA ARG A 197 14.87 22.87 1.77
C ARG A 197 14.78 21.45 2.32
N ASP A 198 15.63 21.13 3.30
CA ASP A 198 15.60 19.80 3.91
C ASP A 198 14.21 19.49 4.44
N MET A 199 13.61 20.42 5.18
CA MET A 199 12.28 20.17 5.71
C MET A 199 11.28 19.96 4.59
N LYS A 200 11.46 20.66 3.46
CA LYS A 200 10.56 20.54 2.34
C LYS A 200 10.71 19.22 1.59
N THR A 201 11.87 18.54 1.69
CA THR A 201 12.13 17.41 0.81
C THR A 201 12.69 16.16 1.49
N CYS A 202 12.99 16.19 2.78
CA CYS A 202 13.58 15.01 3.40
C CYS A 202 12.55 13.90 3.51
N ARG A 203 13.00 12.67 3.31
CA ARG A 203 12.15 11.48 3.35
C ARG A 203 12.58 10.64 4.55
N PHE A 204 11.77 10.63 5.60
CA PHE A 204 12.15 9.90 6.80
C PHE A 204 12.29 8.41 6.53
N HIS A 205 13.36 7.82 7.05
CA HIS A 205 13.51 6.38 7.08
C HIS A 205 14.37 6.05 8.29
N PRO A 206 14.00 5.02 9.06
CA PRO A 206 14.74 4.74 10.30
C PRO A 206 16.21 4.45 10.07
N ASP A 207 16.58 4.01 8.87
CA ASP A 207 17.96 3.69 8.53
C ASP A 207 18.58 4.71 7.58
N LYS A 208 17.89 5.05 6.48
CA LYS A 208 18.51 5.92 5.48
C LYS A 208 18.55 7.38 5.90
N ASP A 209 17.54 7.88 6.63
CA ASP A 209 17.49 9.28 7.04
C ASP A 209 16.86 9.41 8.41
N PRO A 210 17.61 9.13 9.47
CA PRO A 210 17.06 9.23 10.84
C PRO A 210 16.86 10.67 11.32
N PHE A 211 17.42 11.67 10.63
CA PHE A 211 17.33 13.05 11.07
C PHE A 211 16.33 13.86 10.26
N CYS A 212 15.49 13.20 9.47
CA CYS A 212 14.36 13.89 8.87
C CYS A 212 13.23 13.92 9.90
N PRO A 213 12.75 15.10 10.30
CA PRO A 213 11.74 15.18 11.36
C PRO A 213 10.31 15.02 10.87
N ILE A 214 10.09 14.85 9.58
CA ILE A 214 8.76 14.70 9.02
C ILE A 214 8.49 13.22 8.77
N LEU A 215 7.48 12.67 9.43
CA LEU A 215 7.08 11.28 9.28
C LEU A 215 5.68 11.22 8.68
N ARG A 216 5.51 10.42 7.63
CA ARG A 216 4.20 10.24 7.04
C ARG A 216 3.37 9.26 7.87
N VAL A 217 2.14 9.64 8.20
CA VAL A 217 1.29 8.80 9.04
C VAL A 217 1.23 7.38 8.49
N GLY A 218 0.96 7.24 7.19
CA GLY A 218 0.90 5.93 6.58
C GLY A 218 2.18 5.14 6.77
N ASP A 219 3.33 5.80 6.68
CA ASP A 219 4.59 5.12 6.90
C ASP A 219 4.70 4.62 8.33
N VAL A 220 4.29 5.44 9.30
CA VAL A 220 4.32 5.01 10.70
C VAL A 220 3.43 3.79 10.89
N VAL A 221 2.23 3.81 10.32
CA VAL A 221 1.32 2.68 10.44
C VAL A 221 1.92 1.43 9.82
N LYS A 222 2.61 1.57 8.69
CA LYS A 222 3.22 0.41 8.05
C LYS A 222 4.38 -0.14 8.88
N PHE A 223 5.29 0.74 9.31
CA PHE A 223 6.39 0.30 10.16
C PHE A 223 5.91 -0.46 11.39
N ALA A 224 4.72 -0.12 11.90
CA ALA A 224 4.15 -0.81 13.04
C ALA A 224 3.40 -2.07 12.65
N GLY A 225 3.51 -2.52 11.40
CA GLY A 225 2.85 -3.73 10.96
C GLY A 225 1.33 -3.69 11.04
N GLN A 226 0.71 -2.60 10.60
CA GLN A 226 -0.72 -2.45 10.68
C GLN A 226 -1.28 -2.04 9.31
N ASP A 227 -2.57 -2.26 9.13
CA ASP A 227 -3.27 -1.95 7.90
C ASP A 227 -4.11 -0.71 8.17
N PHE A 228 -3.74 0.41 7.55
CA PHE A 228 -4.43 1.67 7.83
C PHE A 228 -5.94 1.53 7.67
N ALA A 229 -6.39 0.80 6.65
CA ALA A 229 -7.82 0.67 6.40
C ALA A 229 -8.53 0.12 7.63
N LYS A 230 -7.92 -0.83 8.33
CA LYS A 230 -8.54 -1.42 9.50
C LYS A 230 -8.33 -0.57 10.75
N LEU A 231 -7.07 -0.16 10.99
CA LEU A 231 -6.77 0.63 12.17
C LEU A 231 -7.60 1.90 12.22
N ALA A 232 -7.80 2.56 11.07
CA ALA A 232 -8.58 3.78 11.05
C ALA A 232 -10.06 3.51 11.30
N ARG A 233 -10.51 2.29 11.06
CA ARG A 233 -11.88 1.89 11.36
C ARG A 233 -12.07 1.65 12.85
N THR A 234 -11.18 0.85 13.45
CA THR A 234 -11.33 0.50 14.86
C THR A 234 -10.67 1.50 15.80
N GLY A 235 -9.69 2.25 15.33
CA GLY A 235 -8.83 3.01 16.20
C GLY A 235 -7.80 2.12 16.87
N GLY A 236 -6.74 2.76 17.38
CA GLY A 236 -5.68 2.03 18.04
C GLY A 236 -4.63 2.98 18.54
N VAL A 237 -3.58 2.40 19.12
CA VAL A 237 -2.50 3.17 19.72
C VAL A 237 -1.18 2.71 19.11
N LEU A 238 -0.47 3.64 18.49
CA LEU A 238 0.85 3.35 17.91
C LEU A 238 1.92 4.08 18.72
N GLY A 239 3.01 3.36 18.98
CA GLY A 239 4.16 3.90 19.68
C GLY A 239 5.30 4.13 18.70
N ILE A 240 5.83 5.36 18.74
CA ILE A 240 7.04 5.75 18.04
C ILE A 240 8.14 5.85 19.09
N LYS A 241 9.00 4.84 19.15
CA LYS A 241 10.08 4.83 20.14
C LYS A 241 11.34 5.41 19.52
N ILE A 242 11.93 6.40 20.19
CA ILE A 242 13.17 7.03 19.76
C ILE A 242 14.24 6.69 20.80
N GLY A 243 15.25 5.94 20.38
CA GLY A 243 16.31 5.48 21.28
C GLY A 243 17.63 6.17 20.97
N TRP A 244 18.23 6.73 22.01
CA TRP A 244 19.54 7.39 21.93
C TRP A 244 20.53 6.56 22.75
N VAL A 245 21.16 5.58 22.10
CA VAL A 245 22.18 4.75 22.74
C VAL A 245 23.52 5.18 22.16
N CYS A 246 24.28 5.97 22.90
CA CYS A 246 25.40 6.70 22.34
C CYS A 246 26.68 6.42 23.12
N ASP A 247 27.76 6.18 22.38
CA ASP A 247 29.09 5.95 22.93
C ASP A 247 29.86 7.27 22.80
N LEU A 248 29.91 8.03 23.89
CA LEU A 248 30.53 9.35 23.83
C LEU A 248 32.04 9.31 23.67
N ASP A 249 32.65 8.13 23.53
CA ASP A 249 34.04 8.06 23.12
C ASP A 249 34.19 8.29 21.62
N LYS A 250 33.15 8.00 20.84
CA LYS A 250 33.15 8.29 19.42
C LYS A 250 32.67 9.72 19.18
N ALA A 251 32.54 10.10 17.92
CA ALA A 251 32.22 11.48 17.59
C ALA A 251 30.75 11.81 17.83
N TRP A 252 30.50 13.05 18.23
CA TRP A 252 29.15 13.59 18.39
C TRP A 252 28.26 13.15 17.24
N ASP A 253 28.80 13.20 16.01
CA ASP A 253 28.01 12.86 14.84
C ASP A 253 27.73 11.36 14.74
N GLN A 254 28.33 10.55 15.61
CA GLN A 254 28.03 9.13 15.66
C GLN A 254 26.85 8.82 16.55
N CYS A 255 26.37 9.80 17.31
CA CYS A 255 25.24 9.64 18.22
C CYS A 255 23.96 9.82 17.40
N ILE A 256 23.29 8.71 17.12
CA ILE A 256 22.21 8.71 16.13
C ILE A 256 20.94 8.11 16.73
N PRO A 257 19.77 8.68 16.45
CA PRO A 257 18.54 8.14 17.00
C PRO A 257 18.10 6.89 16.26
N LYS A 258 17.50 5.97 17.01
CA LYS A 258 17.02 4.69 16.48
C LYS A 258 15.50 4.68 16.64
N TYR A 259 14.78 4.71 15.52
CA TYR A 259 13.32 4.69 15.52
C TYR A 259 12.77 3.27 15.44
N SER A 260 11.87 2.96 16.38
CA SER A 260 11.09 1.72 16.35
C SER A 260 9.62 2.10 16.32
N PHE A 261 8.80 1.24 15.73
CA PHE A 261 7.38 1.49 15.65
C PHE A 261 6.62 0.23 16.06
N THR A 262 5.54 0.42 16.80
CA THR A 262 4.81 -0.75 17.27
C THR A 262 3.39 -0.33 17.61
N ARG A 263 2.52 -1.31 17.75
CA ARG A 263 1.17 -1.07 18.26
C ARG A 263 1.14 -1.45 19.74
N LEU A 264 0.77 -0.49 20.59
CA LEU A 264 0.85 -0.66 22.04
C LEU A 264 -0.38 -1.34 22.64
N ASP A 265 -1.58 -1.09 22.11
CA ASP A 265 -2.80 -1.72 22.64
C ASP A 265 -2.95 -3.11 22.01
N SER A 266 -2.01 -3.99 22.36
CA SER A 266 -1.97 -5.32 21.77
C SER A 266 -3.17 -6.16 22.20
N VAL A 267 -3.70 -5.92 23.39
CA VAL A 267 -4.87 -6.66 23.86
C VAL A 267 -6.07 -6.42 22.95
N SER A 268 -6.08 -5.32 22.19
CA SER A 268 -7.24 -4.99 21.38
C SER A 268 -7.39 -5.90 20.17
N GLU A 269 -6.28 -6.27 19.53
CA GLU A 269 -6.35 -7.14 18.36
C GLU A 269 -6.79 -8.54 18.73
N LYS A 270 -6.50 -8.97 19.95
CA LYS A 270 -6.80 -10.31 20.44
C LYS A 270 -8.20 -10.40 21.05
N SER A 271 -8.92 -9.28 21.13
CA SER A 271 -10.18 -9.21 21.85
C SER A 271 -11.35 -9.00 20.91
N SER A 272 -12.41 -9.79 21.11
CA SER A 272 -13.63 -9.61 20.35
C SER A 272 -14.53 -8.55 20.98
N VAL A 273 -14.29 -8.21 22.25
CA VAL A 273 -15.18 -7.29 22.95
C VAL A 273 -14.74 -5.83 22.81
N SER A 274 -13.44 -5.56 22.62
CA SER A 274 -12.94 -4.20 22.56
C SER A 274 -11.77 -4.11 21.59
N PRO A 275 -12.04 -3.81 20.32
CA PRO A 275 -11.04 -4.00 19.26
C PRO A 275 -10.13 -2.83 18.96
N GLY A 276 -10.42 -1.62 19.41
CA GLY A 276 -9.65 -0.45 19.00
C GLY A 276 -9.54 0.62 20.06
N TYR A 277 -9.75 1.86 19.65
CA TYR A 277 -9.64 3.02 20.54
C TYR A 277 -10.60 4.11 20.06
N ASN A 278 -11.53 4.52 20.90
CA ASN A 278 -12.44 5.62 20.58
C ASN A 278 -12.83 6.34 21.86
N PHE A 279 -13.40 7.54 21.68
CA PHE A 279 -13.82 8.33 22.82
C PHE A 279 -14.86 9.35 22.35
N ARG A 280 -15.59 9.92 23.30
CA ARG A 280 -16.69 10.84 23.00
C ARG A 280 -16.41 12.22 23.57
N PHE A 281 -16.78 13.25 22.81
CA PHE A 281 -16.71 14.63 23.29
C PHE A 281 -17.79 15.42 22.58
N ALA A 282 -18.00 16.66 23.03
CA ALA A 282 -19.10 17.44 22.50
C ALA A 282 -18.66 18.87 22.19
N LYS A 283 -19.23 19.44 21.12
CA LYS A 283 -19.15 20.86 20.85
C LYS A 283 -20.38 21.53 21.46
N TYR A 284 -20.17 22.54 22.28
CA TYR A 284 -21.26 23.15 23.04
C TYR A 284 -21.64 24.50 22.45
N TYR A 285 -22.94 24.71 22.30
CA TYR A 285 -23.51 25.91 21.74
C TYR A 285 -24.71 26.33 22.58
N LYS A 286 -25.14 27.57 22.38
CA LYS A 286 -26.44 28.01 22.90
C LYS A 286 -27.02 29.01 21.91
N MET A 287 -28.34 29.03 21.82
CA MET A 287 -29.03 29.91 20.90
C MET A 287 -29.06 31.34 21.42
N GLU A 288 -29.62 32.25 20.62
CA GLU A 288 -29.93 33.57 21.14
C GLU A 288 -30.80 33.45 22.39
N ASN A 289 -31.78 32.56 22.36
CA ASN A 289 -32.45 32.17 23.59
C ASN A 289 -31.42 31.60 24.57
N GLY A 290 -31.80 31.55 25.85
CA GLY A 290 -30.87 31.05 26.85
C GLY A 290 -30.44 29.60 26.63
N SER A 291 -31.29 28.79 26.01
CA SER A 291 -31.14 27.34 26.05
C SER A 291 -29.89 26.86 25.32
N GLU A 292 -29.33 25.75 25.82
CA GLU A 292 -28.11 25.16 25.30
C GLU A 292 -28.41 23.96 24.41
N TYR A 293 -27.51 23.72 23.46
CA TYR A 293 -27.54 22.52 22.66
C TYR A 293 -26.10 22.17 22.29
N ARG A 294 -25.89 20.92 21.89
CA ARG A 294 -24.53 20.46 21.63
C ARG A 294 -24.54 19.44 20.51
N THR A 295 -23.39 19.32 19.85
CA THR A 295 -23.14 18.23 18.92
C THR A 295 -22.27 17.20 19.63
N LEU A 296 -22.74 15.95 19.65
CA LEU A 296 -22.00 14.86 20.25
C LEU A 296 -21.18 14.15 19.18
N LEU A 297 -19.95 13.79 19.54
CA LEU A 297 -19.02 13.19 18.61
C LEU A 297 -18.41 11.96 19.24
N LYS A 298 -18.51 10.83 18.54
CA LYS A 298 -17.76 9.62 18.88
C LYS A 298 -16.61 9.52 17.89
N ALA A 299 -15.41 9.78 18.37
CA ALA A 299 -14.21 9.82 17.54
C ALA A 299 -13.44 8.51 17.66
N PHE A 300 -13.10 7.94 16.52
CA PHE A 300 -12.15 6.84 16.39
C PHE A 300 -10.91 7.42 15.76
N GLY A 301 -9.75 7.06 16.31
CA GLY A 301 -8.52 7.56 15.72
C GLY A 301 -7.31 6.75 16.17
N ILE A 302 -6.16 7.21 15.70
CA ILE A 302 -4.87 6.63 16.05
C ILE A 302 -4.22 7.52 17.11
N ARG A 303 -3.94 6.95 18.27
CA ARG A 303 -3.15 7.66 19.28
C ARG A 303 -1.68 7.40 19.02
N PHE A 304 -0.90 8.46 18.89
CA PHE A 304 0.54 8.37 18.79
C PHE A 304 1.12 8.89 20.10
N ASP A 305 2.03 8.12 20.70
CA ASP A 305 2.86 8.68 21.75
C ASP A 305 4.32 8.40 21.44
N VAL A 306 5.14 9.45 21.53
CA VAL A 306 6.56 9.35 21.26
C VAL A 306 7.26 8.99 22.58
N LEU A 307 7.86 7.81 22.62
CA LEU A 307 8.56 7.33 23.79
C LEU A 307 10.05 7.44 23.54
N VAL A 308 10.73 8.24 24.37
CA VAL A 308 12.16 8.51 24.22
C VAL A 308 12.92 7.78 25.32
N TYR A 309 13.90 6.98 24.93
CA TYR A 309 14.76 6.26 25.86
C TYR A 309 16.20 6.40 25.41
N GLY A 310 17.13 6.06 26.29
CA GLY A 310 18.53 6.07 25.91
C GLY A 310 19.44 5.92 27.11
N ASN A 311 20.71 5.66 26.80
CA ASN A 311 21.78 5.65 27.78
C ASN A 311 23.07 6.01 27.06
N ALA A 312 23.94 6.75 27.74
CA ALA A 312 25.22 7.15 27.18
C ALA A 312 26.36 6.53 28.00
N GLY A 313 27.47 6.29 27.32
CA GLY A 313 28.66 5.77 27.99
C GLY A 313 29.90 6.51 27.58
N LYS A 314 30.77 6.78 28.55
CA LYS A 314 32.02 7.46 28.23
C LYS A 314 33.13 6.95 29.13
N PHE A 315 34.34 6.89 28.58
CA PHE A 315 35.47 6.36 29.31
C PHE A 315 35.67 7.11 30.63
N ASN A 316 35.98 6.36 31.67
CA ASN A 316 36.29 6.93 32.98
C ASN A 316 37.31 6.04 33.67
N ILE A 317 38.14 6.65 34.51
CA ILE A 317 39.27 5.93 35.08
C ILE A 317 38.82 5.01 36.21
N ILE A 318 37.93 5.49 37.08
CA ILE A 318 37.50 4.73 38.25
C ILE A 318 37.01 3.34 37.84
N PRO A 319 35.97 3.24 37.02
CA PRO A 319 35.47 1.90 36.64
C PRO A 319 36.51 1.06 35.92
N THR A 320 37.41 1.67 35.16
CA THR A 320 38.47 0.90 34.51
C THR A 320 39.39 0.26 35.53
N ILE A 321 39.83 1.06 36.51
CA ILE A 321 40.68 0.54 37.58
C ILE A 321 39.97 -0.59 38.32
N ILE A 322 38.74 -0.33 38.77
CA ILE A 322 38.01 -1.34 39.53
C ILE A 322 37.86 -2.62 38.73
N SER A 323 37.52 -2.51 37.44
CA SER A 323 37.26 -3.70 36.65
C SER A 323 38.55 -4.48 36.38
N SER A 324 39.64 -3.79 36.07
CA SER A 324 40.90 -4.50 35.86
C SER A 324 41.36 -5.18 37.15
N VAL A 325 41.19 -4.50 38.29
CA VAL A 325 41.45 -5.13 39.58
C VAL A 325 40.65 -6.42 39.71
N ALA A 326 39.38 -6.39 39.30
CA ALA A 326 38.58 -7.61 39.34
C ALA A 326 39.14 -8.67 38.40
N ALA A 327 39.71 -8.27 37.26
CA ALA A 327 40.30 -9.23 36.34
C ALA A 327 41.48 -9.94 36.99
N PHE A 328 42.45 -9.17 37.49
CA PHE A 328 43.62 -9.76 38.10
C PHE A 328 43.25 -10.60 39.32
N THR A 329 42.35 -10.10 40.16
CA THR A 329 41.89 -10.90 41.29
C THR A 329 41.29 -12.22 40.82
N SER A 330 40.56 -12.21 39.70
CA SER A 330 39.90 -13.43 39.25
C SER A 330 40.82 -14.40 38.52
N VAL A 331 41.95 -13.94 37.96
CA VAL A 331 42.83 -14.84 37.22
C VAL A 331 43.28 -16.02 38.06
N GLY A 332 43.27 -15.88 39.40
CA GLY A 332 43.73 -16.94 40.26
C GLY A 332 42.81 -18.15 40.29
N VAL A 333 41.51 -17.93 40.09
CA VAL A 333 40.48 -18.95 40.32
C VAL A 333 40.82 -20.26 39.61
N GLY A 334 41.67 -20.20 38.59
CA GLY A 334 42.07 -21.42 37.88
C GLY A 334 42.76 -22.45 38.76
N THR A 335 43.25 -22.03 39.94
CA THR A 335 44.06 -22.90 40.77
C THR A 335 43.28 -24.11 41.26
N VAL A 336 41.96 -23.98 41.43
CA VAL A 336 41.18 -25.14 41.85
C VAL A 336 41.17 -26.20 40.75
N LEU A 337 41.00 -25.78 39.50
CA LEU A 337 41.01 -26.73 38.38
C LEU A 337 42.40 -27.33 38.20
N CYS A 338 43.42 -26.48 38.09
CA CYS A 338 44.78 -26.99 37.97
C CYS A 338 45.15 -27.89 39.14
N ASP A 339 44.59 -27.64 40.32
CA ASP A 339 44.83 -28.50 41.46
C ASP A 339 44.20 -29.87 41.28
N ILE A 340 42.91 -29.92 40.91
CA ILE A 340 42.27 -31.21 40.66
C ILE A 340 43.08 -32.00 39.63
N ILE A 341 43.40 -31.36 38.51
CA ILE A 341 44.17 -32.03 37.44
C ILE A 341 45.49 -32.55 37.99
N LEU A 342 46.31 -31.64 38.53
CA LEU A 342 47.66 -31.99 38.96
C LEU A 342 47.63 -33.11 40.00
N LEU A 343 46.79 -32.96 41.02
CA LEU A 343 46.78 -33.90 42.14
C LEU A 343 46.10 -35.22 41.84
N ASN A 344 45.29 -35.32 40.78
CA ASN A 344 44.53 -36.55 40.58
C ASN A 344 44.65 -37.21 39.21
N PHE A 345 45.34 -36.62 38.23
CA PHE A 345 45.27 -37.19 36.89
C PHE A 345 46.57 -37.08 36.11
N LEU A 346 47.72 -37.03 36.79
CA LEU A 346 48.99 -36.81 36.10
C LEU A 346 49.98 -37.96 36.24
N LYS A 347 49.56 -39.11 36.78
CA LYS A 347 50.44 -40.27 36.89
C LYS A 347 51.64 -40.01 37.82
N GLY A 348 51.93 -38.75 38.09
CA GLY A 348 52.92 -38.39 39.09
C GLY A 348 52.21 -37.82 40.30
N ALA A 349 50.91 -38.10 40.37
CA ALA A 349 50.06 -37.46 41.38
C ALA A 349 50.52 -37.79 42.79
N ASP A 350 50.91 -39.05 43.05
CA ASP A 350 51.26 -39.46 44.40
C ASP A 350 52.35 -38.58 44.99
N GLN A 351 53.40 -38.32 44.20
CA GLN A 351 54.50 -37.47 44.68
C GLN A 351 53.99 -36.09 45.05
N TYR A 352 53.16 -35.48 44.19
CA TYR A 352 52.65 -34.15 44.46
C TYR A 352 51.77 -34.13 45.71
N LYS A 353 50.88 -35.12 45.84
CA LYS A 353 50.08 -35.21 47.06
C LYS A 353 50.97 -35.31 48.29
N ALA A 354 52.08 -36.05 48.20
CA ALA A 354 52.98 -36.17 49.33
C ALA A 354 53.66 -34.84 49.65
N LYS A 355 54.14 -34.13 48.62
CA LYS A 355 54.84 -32.87 48.83
C LYS A 355 53.90 -31.78 49.34
N LYS A 356 52.64 -31.79 48.90
CA LYS A 356 51.73 -30.69 49.18
C LYS A 356 51.08 -30.81 50.55
N PHE A 357 50.66 -32.00 50.94
CA PHE A 357 49.89 -32.20 52.16
C PHE A 357 50.76 -32.75 53.28
N GLU A 358 50.60 -32.18 54.47
CA GLU A 358 51.24 -32.69 55.69
C GLU A 358 50.14 -33.01 56.70
N GLU A 359 49.89 -34.30 56.90
CA GLU A 359 48.85 -34.73 57.83
C GLU A 359 49.26 -34.47 59.28
N VAL A 360 48.25 -34.36 60.15
CA VAL A 360 48.44 -34.03 61.56
C VAL A 360 47.37 -34.77 62.35
N ASN A 361 47.67 -35.08 63.61
CA ASN A 361 46.75 -35.85 64.43
C ASN A 361 46.79 -35.39 65.88
N GLU A 362 45.68 -35.63 66.58
CA GLU A 362 45.55 -35.44 68.02
C GLU A 362 44.07 -35.42 68.41
N PHE B 6 -1.94 -63.61 -20.62
CA PHE B 6 -2.99 -64.60 -20.40
C PHE B 6 -4.36 -63.96 -20.64
N PHE B 7 -5.02 -64.39 -21.72
CA PHE B 7 -6.24 -63.76 -22.21
C PHE B 7 -7.42 -64.14 -21.32
N THR B 8 -7.64 -63.36 -20.27
CA THR B 8 -8.78 -63.53 -19.39
C THR B 8 -9.38 -62.17 -19.06
N TYR B 9 -10.71 -62.08 -19.07
CA TYR B 9 -11.42 -60.83 -18.84
C TYR B 9 -12.21 -60.93 -17.55
N GLU B 10 -11.79 -60.19 -16.53
CA GLU B 10 -12.54 -60.10 -15.29
C GLU B 10 -13.54 -58.94 -15.35
N THR B 11 -14.67 -59.13 -14.68
CA THR B 11 -15.70 -58.12 -14.49
C THR B 11 -16.34 -58.36 -13.14
N PRO B 12 -16.78 -57.31 -12.46
CA PRO B 12 -17.23 -57.48 -11.08
C PRO B 12 -18.62 -58.10 -10.99
N LYS B 13 -18.82 -58.89 -9.95
CA LYS B 13 -20.15 -59.40 -9.65
C LYS B 13 -21.01 -58.27 -9.12
N VAL B 14 -22.28 -58.22 -9.55
CA VAL B 14 -23.10 -57.04 -9.37
C VAL B 14 -24.45 -57.45 -8.78
N ILE B 15 -24.89 -56.71 -7.77
CA ILE B 15 -26.27 -56.79 -7.28
C ILE B 15 -27.17 -55.96 -8.19
N VAL B 16 -28.39 -56.44 -8.41
CA VAL B 16 -29.31 -55.75 -9.32
C VAL B 16 -30.63 -55.45 -8.63
N VAL B 17 -30.65 -54.43 -7.77
CA VAL B 17 -31.88 -54.05 -7.08
C VAL B 17 -32.98 -53.76 -8.09
N LYS B 18 -34.23 -54.03 -7.70
CA LYS B 18 -35.39 -53.78 -8.55
C LYS B 18 -36.39 -52.82 -7.89
N SER B 19 -35.99 -52.14 -6.82
CA SER B 19 -36.86 -51.16 -6.18
C SER B 19 -37.13 -49.98 -7.11
N TRP B 20 -38.38 -49.52 -7.11
CA TRP B 20 -38.75 -48.38 -7.96
C TRP B 20 -38.10 -47.09 -7.45
N THR B 21 -37.99 -46.94 -6.13
CA THR B 21 -37.43 -45.71 -5.56
C THR B 21 -36.03 -45.44 -6.09
N ILE B 22 -35.12 -46.41 -5.92
CA ILE B 22 -33.74 -46.19 -6.35
C ILE B 22 -33.62 -46.20 -7.87
N GLY B 23 -34.55 -46.85 -8.56
CA GLY B 23 -34.57 -46.72 -10.01
C GLY B 23 -34.81 -45.29 -10.46
N ILE B 24 -35.89 -44.69 -9.96
CA ILE B 24 -36.21 -43.31 -10.34
C ILE B 24 -35.12 -42.36 -9.88
N ILE B 25 -34.62 -42.53 -8.65
CA ILE B 25 -33.62 -41.60 -8.13
C ILE B 25 -32.32 -41.72 -8.90
N ASN B 26 -31.90 -42.95 -9.20
CA ASN B 26 -30.66 -43.14 -9.96
C ASN B 26 -30.80 -42.56 -11.37
N ARG B 27 -31.86 -42.95 -12.09
CA ARG B 27 -32.07 -42.40 -13.42
C ARG B 27 -32.16 -40.87 -13.38
N VAL B 28 -32.62 -40.31 -12.27
CA VAL B 28 -32.68 -38.86 -12.14
C VAL B 28 -31.28 -38.27 -12.02
N VAL B 29 -30.45 -38.86 -11.16
CA VAL B 29 -29.08 -38.38 -11.01
C VAL B 29 -28.34 -38.47 -12.34
N GLN B 30 -28.52 -39.58 -13.06
CA GLN B 30 -27.91 -39.71 -14.38
C GLN B 30 -28.42 -38.62 -15.31
N LEU B 31 -29.74 -38.38 -15.32
CA LEU B 31 -30.29 -37.34 -16.15
C LEU B 31 -29.66 -35.99 -15.83
N LEU B 32 -29.35 -35.76 -14.54
CA LEU B 32 -28.71 -34.51 -14.15
C LEU B 32 -27.27 -34.44 -14.68
N ILE B 33 -26.52 -35.54 -14.59
CA ILE B 33 -25.16 -35.54 -15.11
C ILE B 33 -25.16 -35.26 -16.61
N ILE B 34 -25.92 -36.05 -17.36
CA ILE B 34 -26.00 -35.87 -18.81
C ILE B 34 -26.43 -34.45 -19.13
N SER B 35 -27.43 -33.93 -18.43
CA SER B 35 -27.91 -32.59 -18.71
C SER B 35 -26.84 -31.54 -18.44
N TYR B 36 -26.03 -31.76 -17.39
CA TYR B 36 -24.93 -30.85 -17.13
C TYR B 36 -23.93 -30.86 -18.29
N PHE B 37 -23.60 -32.04 -18.82
CA PHE B 37 -22.64 -32.08 -19.92
C PHE B 37 -23.20 -31.46 -21.19
N VAL B 38 -24.46 -31.79 -21.52
CA VAL B 38 -25.06 -31.25 -22.75
C VAL B 38 -25.24 -29.74 -22.64
N GLY B 39 -25.62 -29.25 -21.46
CA GLY B 39 -25.99 -27.86 -21.32
C GLY B 39 -24.85 -26.91 -21.01
N TRP B 40 -23.91 -27.33 -20.17
CA TRP B 40 -22.81 -26.44 -19.76
C TRP B 40 -21.51 -26.74 -20.49
N VAL B 41 -21.08 -28.00 -20.51
CA VAL B 41 -19.79 -28.32 -21.11
C VAL B 41 -19.84 -28.18 -22.63
N PHE B 42 -20.98 -28.55 -23.24
CA PHE B 42 -21.07 -28.54 -24.69
C PHE B 42 -21.66 -27.24 -25.23
N LEU B 43 -22.81 -26.80 -24.69
CA LEU B 43 -23.46 -25.62 -25.24
C LEU B 43 -22.79 -24.33 -24.79
N HIS B 44 -22.83 -24.04 -23.49
CA HIS B 44 -22.29 -22.76 -23.02
C HIS B 44 -20.79 -22.70 -23.21
N GLU B 45 -20.07 -23.74 -22.79
CA GLU B 45 -18.62 -23.74 -22.89
C GLU B 45 -18.11 -24.27 -24.23
N LYS B 46 -19.02 -24.67 -25.11
CA LYS B 46 -18.68 -25.08 -26.47
C LYS B 46 -17.45 -25.99 -26.50
N ALA B 47 -17.53 -27.08 -25.73
CA ALA B 47 -16.43 -28.03 -25.68
C ALA B 47 -16.26 -28.82 -26.98
N TYR B 48 -17.19 -28.67 -27.92
CA TYR B 48 -17.10 -29.33 -29.22
C TYR B 48 -16.28 -28.53 -30.23
N GLN B 49 -15.66 -27.43 -29.81
CA GLN B 49 -14.98 -26.52 -30.72
C GLN B 49 -13.49 -26.41 -30.39
N VAL B 50 -12.69 -26.19 -31.44
CA VAL B 50 -11.33 -25.70 -31.31
C VAL B 50 -11.38 -24.18 -31.36
N ARG B 51 -10.42 -23.54 -30.69
CA ARG B 51 -10.38 -22.10 -30.57
C ARG B 51 -9.05 -21.54 -31.06
N ASP B 52 -9.12 -20.45 -31.81
CA ASP B 52 -7.95 -19.67 -32.18
C ASP B 52 -8.07 -18.31 -31.50
N THR B 53 -7.07 -17.98 -30.68
CA THR B 53 -6.99 -16.67 -30.05
C THR B 53 -5.85 -15.83 -30.60
N ALA B 54 -4.91 -16.44 -31.33
CA ALA B 54 -3.79 -15.70 -31.91
C ALA B 54 -4.29 -14.96 -33.14
N ILE B 55 -5.07 -13.92 -32.89
CA ILE B 55 -5.64 -13.11 -33.95
C ILE B 55 -4.56 -12.19 -34.51
N GLU B 56 -4.49 -12.11 -35.83
CA GLU B 56 -3.57 -11.23 -36.54
C GLU B 56 -4.35 -9.99 -36.95
N SER B 57 -3.90 -8.81 -36.50
CA SER B 57 -4.66 -7.59 -36.69
C SER B 57 -3.83 -6.53 -37.39
N SER B 58 -4.51 -5.69 -38.15
CA SER B 58 -3.93 -4.53 -38.81
C SER B 58 -4.86 -3.34 -38.61
N VAL B 59 -4.28 -2.20 -38.25
CA VAL B 59 -5.05 -0.99 -37.99
C VAL B 59 -4.41 0.18 -38.73
N VAL B 60 -5.21 0.88 -39.52
CA VAL B 60 -4.82 2.14 -40.16
C VAL B 60 -5.79 3.20 -39.68
N THR B 61 -5.27 4.35 -39.27
CA THR B 61 -6.13 5.42 -38.75
C THR B 61 -5.89 6.70 -39.53
N LYS B 62 -6.88 7.59 -39.49
CA LYS B 62 -6.74 8.89 -40.10
C LYS B 62 -7.66 9.87 -39.39
N VAL B 63 -7.12 11.03 -39.01
CA VAL B 63 -7.90 12.04 -38.30
C VAL B 63 -8.23 13.17 -39.25
N LYS B 64 -9.39 13.78 -39.04
CA LYS B 64 -9.80 14.93 -39.83
C LYS B 64 -10.38 15.99 -38.90
N GLY B 65 -10.20 17.24 -39.28
CA GLY B 65 -10.71 18.36 -38.53
C GLY B 65 -9.72 19.51 -38.52
N SER B 66 -10.25 20.71 -38.32
CA SER B 66 -9.45 21.91 -38.24
C SER B 66 -9.81 22.68 -36.98
N GLY B 67 -8.81 23.36 -36.41
CA GLY B 67 -9.04 24.13 -35.21
C GLY B 67 -8.31 25.45 -35.29
N LEU B 68 -8.72 26.36 -34.42
CA LEU B 68 -8.03 27.64 -34.28
C LEU B 68 -7.22 27.60 -32.99
N TYR B 69 -5.92 27.85 -33.11
CA TYR B 69 -5.04 27.88 -31.95
C TYR B 69 -3.95 28.89 -32.24
N ALA B 70 -3.66 29.74 -31.24
CA ALA B 70 -2.70 30.83 -31.42
C ALA B 70 -3.08 31.73 -32.59
N ASN B 71 -4.38 31.85 -32.85
CA ASN B 71 -4.90 32.66 -33.95
C ASN B 71 -4.38 32.18 -35.30
N ARG B 72 -4.05 30.89 -35.40
CA ARG B 72 -3.73 30.26 -36.68
C ARG B 72 -4.55 28.99 -36.81
N VAL B 73 -4.73 28.55 -38.05
CA VAL B 73 -5.46 27.32 -38.32
C VAL B 73 -4.52 26.13 -38.19
N MET B 74 -4.97 25.11 -37.45
CA MET B 74 -4.24 23.86 -37.28
C MET B 74 -5.04 22.74 -37.92
N ASP B 75 -4.40 21.99 -38.79
CA ASP B 75 -4.99 20.85 -39.47
C ASP B 75 -4.24 19.57 -39.06
N VAL B 76 -4.64 18.45 -39.68
CA VAL B 76 -4.16 17.14 -39.22
C VAL B 76 -2.64 17.14 -39.11
N SER B 77 -1.95 17.73 -40.07
CA SER B 77 -0.50 17.74 -40.05
C SER B 77 0.08 18.59 -38.93
N ASP B 78 -0.71 19.46 -38.32
CA ASP B 78 -0.24 20.29 -37.23
C ASP B 78 -0.40 19.63 -35.87
N TYR B 79 -1.50 18.90 -35.66
CA TYR B 79 -1.91 18.50 -34.32
C TYR B 79 -1.90 17.00 -34.07
N VAL B 80 -1.77 16.17 -35.10
CA VAL B 80 -1.69 14.72 -34.94
C VAL B 80 -0.23 14.31 -34.97
N THR B 81 0.17 13.50 -33.98
CA THR B 81 1.50 12.92 -33.97
C THR B 81 1.53 11.59 -33.23
N PRO B 82 2.27 10.61 -33.77
CA PRO B 82 2.94 10.74 -35.07
C PRO B 82 1.97 10.67 -36.24
N PRO B 83 2.47 10.90 -37.45
CA PRO B 83 1.58 11.05 -38.62
C PRO B 83 1.27 9.79 -39.40
N GLN B 84 1.97 8.68 -39.16
CA GLN B 84 1.86 7.55 -40.09
C GLN B 84 0.54 6.79 -39.98
N GLY B 85 -0.43 7.23 -39.19
CA GLY B 85 -1.73 6.58 -39.11
C GLY B 85 -1.70 5.15 -38.60
N THR B 86 -0.98 4.91 -37.50
CA THR B 86 -0.97 3.60 -36.85
C THR B 86 -2.05 3.56 -35.78
N SER B 87 -2.04 2.52 -34.95
CA SER B 87 -3.06 2.34 -33.94
C SER B 87 -2.84 3.20 -32.70
N VAL B 88 -1.73 3.93 -32.63
CA VAL B 88 -1.47 4.84 -31.52
C VAL B 88 -1.07 6.19 -32.10
N PHE B 89 -1.75 7.24 -31.67
CA PHE B 89 -1.50 8.58 -32.13
C PHE B 89 -2.02 9.55 -31.09
N VAL B 90 -1.56 10.80 -31.18
CA VAL B 90 -1.96 11.84 -30.26
C VAL B 90 -2.64 12.94 -31.06
N ILE B 91 -3.76 13.44 -30.55
CA ILE B 91 -4.33 14.69 -31.00
C ILE B 91 -3.93 15.74 -29.98
N ILE B 92 -3.07 16.68 -30.41
CA ILE B 92 -2.53 17.69 -29.51
C ILE B 92 -3.59 18.76 -29.27
N THR B 93 -4.01 18.92 -28.02
CA THR B 93 -5.08 19.85 -27.68
C THR B 93 -4.60 21.08 -26.92
N LYS B 94 -3.32 21.14 -26.54
CA LYS B 94 -2.84 22.30 -25.80
C LYS B 94 -1.33 22.38 -25.94
N MET B 95 -0.80 23.59 -26.04
CA MET B 95 0.63 23.75 -26.26
C MET B 95 1.18 24.92 -25.45
N ILE B 96 2.43 24.77 -25.01
CA ILE B 96 3.21 25.84 -24.42
C ILE B 96 4.43 26.01 -25.29
N VAL B 97 4.52 27.16 -25.96
CA VAL B 97 5.52 27.40 -27.01
C VAL B 97 6.60 28.33 -26.50
N THR B 98 7.85 28.02 -26.87
CA THR B 98 9.02 28.84 -26.56
C THR B 98 9.74 29.08 -27.89
N GLU B 99 9.55 30.26 -28.46
CA GLU B 99 10.01 30.55 -29.81
C GLU B 99 11.49 30.90 -29.85
N ASN B 100 12.12 30.57 -30.97
CA ASN B 100 13.45 31.07 -31.31
C ASN B 100 14.44 30.89 -30.17
N GLN B 101 14.56 29.65 -29.70
CA GLN B 101 15.64 29.31 -28.79
C GLN B 101 16.95 29.21 -29.55
N MET B 102 18.04 29.61 -28.89
CA MET B 102 19.37 29.49 -29.44
C MET B 102 20.31 29.01 -28.34
N GLN B 103 21.38 28.34 -28.75
CA GLN B 103 22.37 27.86 -27.79
C GLN B 103 23.09 29.04 -27.16
N GLY B 104 23.10 29.08 -25.83
CA GLY B 104 23.78 30.15 -25.11
C GLY B 104 23.75 29.99 -23.60
N PHE B 105 23.84 31.11 -22.88
CA PHE B 105 23.76 31.13 -21.43
C PHE B 105 22.56 31.97 -21.00
N CYS B 106 21.94 31.57 -19.90
CA CYS B 106 20.78 32.33 -19.44
C CYS B 106 20.29 31.80 -18.09
N PRO B 107 19.45 32.57 -17.38
CA PRO B 107 18.94 32.11 -16.10
C PRO B 107 17.67 31.28 -16.25
N GLU B 108 17.57 30.25 -15.41
CA GLU B 108 16.34 29.49 -15.33
C GLU B 108 15.19 30.39 -14.88
N SER B 109 13.99 30.08 -15.36
CA SER B 109 12.82 30.87 -15.00
C SER B 109 11.99 30.23 -13.89
N GLU B 110 12.11 28.92 -13.68
CA GLU B 110 11.35 28.27 -12.62
C GLU B 110 11.84 28.74 -11.26
N GLU B 111 10.89 29.00 -10.34
CA GLU B 111 11.23 29.42 -9.00
C GLU B 111 12.02 28.37 -8.24
N LYS B 112 11.94 27.10 -8.63
CA LYS B 112 12.67 26.03 -7.96
C LYS B 112 14.18 26.20 -8.04
N TYR B 113 14.67 27.11 -8.88
CA TYR B 113 16.10 27.34 -9.06
C TYR B 113 16.56 28.64 -8.41
N ARG B 114 15.81 29.16 -7.44
CA ARG B 114 16.19 30.40 -6.78
C ARG B 114 17.55 30.24 -6.10
N CYS B 115 18.40 31.25 -6.24
CA CYS B 115 19.73 31.23 -5.66
C CYS B 115 20.04 32.59 -5.05
N VAL B 116 20.73 32.58 -3.91
CA VAL B 116 21.22 33.80 -3.29
C VAL B 116 22.69 34.02 -3.58
N SER B 117 23.48 32.95 -3.61
CA SER B 117 24.91 33.05 -3.83
C SER B 117 25.36 31.96 -4.81
N ASP B 118 26.49 32.20 -5.47
CA ASP B 118 27.01 31.25 -6.43
C ASP B 118 27.32 29.89 -5.81
N SER B 119 27.41 29.83 -4.47
CA SER B 119 27.73 28.56 -3.82
C SER B 119 26.63 27.53 -4.06
N GLN B 120 25.36 27.97 -4.06
CA GLN B 120 24.25 27.04 -4.21
C GLN B 120 24.14 26.47 -5.62
N CYS B 121 24.73 27.14 -6.62
CA CYS B 121 24.63 26.70 -8.01
C CYS B 121 25.79 25.75 -8.32
N GLY B 122 25.51 24.45 -8.27
CA GLY B 122 26.52 23.45 -8.53
C GLY B 122 25.95 22.10 -8.90
N PRO B 123 26.74 21.05 -8.66
CA PRO B 123 26.31 19.70 -9.07
C PRO B 123 25.06 19.19 -8.35
N GLU B 124 24.63 19.85 -7.27
CA GLU B 124 23.56 19.33 -6.44
C GLU B 124 22.24 19.14 -7.18
N ARG B 125 22.04 19.84 -8.29
CA ARG B 125 20.77 19.83 -9.04
C ARG B 125 21.04 19.43 -10.49
N LEU B 126 21.21 18.12 -10.73
CA LEU B 126 21.40 17.57 -12.06
C LEU B 126 20.13 17.54 -12.91
N PRO B 127 18.93 17.43 -12.32
CA PRO B 127 17.73 17.27 -13.15
C PRO B 127 17.45 18.48 -14.04
N GLY B 128 16.93 18.21 -15.22
CA GLY B 128 16.45 19.24 -16.11
C GLY B 128 17.42 19.56 -17.24
N GLY B 129 16.90 20.25 -18.25
CA GLY B 129 17.71 20.66 -19.39
C GLY B 129 18.60 21.83 -19.04
N GLY B 130 19.90 21.67 -19.26
CA GLY B 130 20.87 22.71 -18.99
C GLY B 130 21.83 22.36 -17.88
N ILE B 131 23.11 22.66 -18.10
CA ILE B 131 24.16 22.43 -17.12
C ILE B 131 24.44 23.75 -16.42
N LEU B 132 24.58 23.71 -15.10
CA LEU B 132 24.84 24.92 -14.35
C LEU B 132 26.22 25.46 -14.65
N THR B 133 26.33 26.79 -14.74
CA THR B 133 27.63 27.44 -14.85
C THR B 133 28.29 27.67 -13.50
N GLY B 134 27.52 27.55 -12.41
CA GLY B 134 27.96 27.92 -11.10
C GLY B 134 27.63 29.34 -10.70
N ARG B 135 27.40 30.22 -11.67
CA ARG B 135 27.01 31.59 -11.35
C ARG B 135 25.53 31.65 -10.95
N CYS B 136 25.19 32.70 -10.20
CA CYS B 136 23.82 32.99 -9.81
C CYS B 136 23.45 34.34 -10.44
N VAL B 137 22.37 34.34 -11.22
CA VAL B 137 21.99 35.51 -12.00
C VAL B 137 20.52 35.81 -11.79
N ASN B 138 20.10 36.99 -12.23
CA ASN B 138 18.75 37.50 -12.04
C ASN B 138 17.90 37.19 -13.26
N TYR B 139 16.81 36.45 -13.06
CA TYR B 139 15.83 36.29 -14.12
C TYR B 139 15.04 37.58 -14.33
N SER B 140 14.64 38.22 -13.23
CA SER B 140 13.99 39.52 -13.25
C SER B 140 14.51 40.32 -12.07
N SER B 141 14.01 41.55 -11.92
CA SER B 141 14.41 42.38 -10.80
C SER B 141 13.97 41.78 -9.46
N VAL B 142 12.93 40.95 -9.46
CA VAL B 142 12.39 40.40 -8.22
C VAL B 142 12.93 39.00 -7.94
N LEU B 143 13.24 38.23 -8.99
CA LEU B 143 13.62 36.84 -8.84
C LEU B 143 15.01 36.59 -9.41
N ARG B 144 15.78 35.74 -8.72
CA ARG B 144 17.11 35.33 -9.15
C ARG B 144 17.22 33.81 -9.05
N THR B 145 17.85 33.20 -10.06
CA THR B 145 17.96 31.75 -10.15
C THR B 145 19.31 31.39 -10.76
N CYS B 146 19.68 30.12 -10.62
CA CYS B 146 20.98 29.67 -11.10
C CYS B 146 21.06 29.76 -12.62
N GLU B 147 22.20 30.27 -13.09
CA GLU B 147 22.43 30.37 -14.53
C GLU B 147 22.76 29.00 -15.11
N ILE B 148 22.27 28.74 -16.31
CA ILE B 148 22.51 27.48 -17.01
C ILE B 148 22.95 27.77 -18.44
N GLN B 149 23.65 26.79 -19.00
CA GLN B 149 24.04 26.78 -20.41
C GLN B 149 23.16 25.80 -21.18
N GLY B 150 22.59 26.27 -22.27
CA GLY B 150 21.73 25.41 -23.07
C GLY B 150 20.86 26.25 -24.00
N TRP B 151 19.65 25.75 -24.25
CA TRP B 151 18.73 26.43 -25.13
C TRP B 151 18.09 27.60 -24.40
N CYS B 152 18.25 28.79 -24.95
CA CYS B 152 17.83 30.03 -24.29
C CYS B 152 16.92 30.82 -25.22
N PRO B 153 15.89 31.46 -24.66
CA PRO B 153 15.58 31.46 -23.22
C PRO B 153 14.95 30.16 -22.77
N THR B 154 14.99 29.89 -21.46
CA THR B 154 14.34 28.69 -20.97
C THR B 154 12.83 28.81 -21.09
N GLU B 155 12.16 27.67 -21.02
CA GLU B 155 10.72 27.65 -21.14
C GLU B 155 10.07 28.18 -19.88
N VAL B 156 8.90 28.79 -20.04
CA VAL B 156 8.09 29.29 -18.94
C VAL B 156 6.67 28.78 -19.14
N ASP B 157 6.02 28.42 -18.04
CA ASP B 157 4.63 27.96 -18.08
C ASP B 157 3.77 28.85 -17.21
N THR B 158 4.08 30.15 -17.24
CA THR B 158 3.29 31.15 -16.52
C THR B 158 2.08 31.57 -17.34
N VAL B 159 2.25 31.65 -18.66
CA VAL B 159 1.16 32.07 -19.52
C VAL B 159 0.01 31.08 -19.39
N GLU B 160 -1.20 31.61 -19.19
CA GLU B 160 -2.40 30.79 -19.22
C GLU B 160 -2.68 30.39 -20.66
N THR B 161 -2.54 29.10 -20.96
CA THR B 161 -2.78 28.82 -22.37
C THR B 161 -4.13 28.14 -22.56
N PRO B 162 -4.76 28.35 -23.72
CA PRO B 162 -6.06 27.76 -24.00
C PRO B 162 -5.94 26.36 -24.59
N ILE B 163 -7.06 25.66 -24.60
CA ILE B 163 -7.15 24.38 -25.29
C ILE B 163 -7.76 24.62 -26.66
N MET B 164 -7.61 23.63 -27.53
CA MET B 164 -8.17 23.69 -28.89
C MET B 164 -9.54 23.06 -28.86
N MET B 165 -10.55 23.87 -28.53
CA MET B 165 -11.91 23.34 -28.35
C MET B 165 -12.40 22.63 -29.59
N GLU B 166 -12.09 23.15 -30.77
CA GLU B 166 -12.55 22.54 -32.02
C GLU B 166 -12.21 21.06 -32.08
N ALA B 167 -11.17 20.62 -31.37
CA ALA B 167 -10.75 19.23 -31.45
C ALA B 167 -11.85 18.28 -31.00
N GLU B 168 -12.75 18.72 -30.12
CA GLU B 168 -13.87 17.87 -29.72
C GLU B 168 -14.66 17.39 -30.92
N ASN B 169 -14.51 18.05 -32.08
CA ASN B 169 -15.31 17.77 -33.25
C ASN B 169 -14.54 17.06 -34.35
N PHE B 170 -13.25 16.80 -34.14
CA PHE B 170 -12.49 16.02 -35.11
C PHE B 170 -13.05 14.61 -35.23
N THR B 171 -12.72 13.94 -36.32
CA THR B 171 -13.16 12.56 -36.55
C THR B 171 -11.96 11.64 -36.73
N ILE B 172 -12.12 10.41 -36.25
CA ILE B 172 -11.11 9.36 -36.34
C ILE B 172 -11.67 8.24 -37.20
N PHE B 173 -11.01 7.95 -38.32
CA PHE B 173 -11.34 6.82 -39.18
C PHE B 173 -10.42 5.66 -38.82
N ILE B 174 -11.03 4.51 -38.51
CA ILE B 174 -10.31 3.30 -38.09
C ILE B 174 -10.61 2.19 -39.10
N LYS B 175 -9.59 1.79 -39.86
CA LYS B 175 -9.68 0.65 -40.78
C LYS B 175 -8.95 -0.54 -40.16
N ASN B 176 -9.70 -1.57 -39.80
CA ASN B 176 -9.18 -2.73 -39.08
C ASN B 176 -9.41 -4.01 -39.88
N SER B 177 -8.34 -4.76 -40.13
CA SER B 177 -8.42 -6.07 -40.77
C SER B 177 -7.88 -7.12 -39.82
N ILE B 178 -8.59 -8.22 -39.66
CA ILE B 178 -8.18 -9.29 -38.77
C ILE B 178 -8.24 -10.63 -39.50
N ARG B 179 -7.44 -11.57 -38.97
CA ARG B 179 -7.30 -12.91 -39.53
C ARG B 179 -7.04 -13.89 -38.39
N PHE B 180 -7.87 -14.91 -38.29
CA PHE B 180 -7.59 -16.05 -37.43
C PHE B 180 -6.80 -17.06 -38.27
N PRO B 181 -5.50 -17.21 -38.05
CA PRO B 181 -4.70 -18.07 -38.94
C PRO B 181 -5.05 -19.53 -38.81
N LEU B 182 -5.44 -20.00 -37.63
CA LEU B 182 -5.76 -21.41 -37.44
C LEU B 182 -6.82 -21.85 -38.43
N PHE B 183 -7.85 -21.04 -38.64
CA PHE B 183 -8.92 -21.36 -39.58
C PHE B 183 -8.76 -20.63 -40.91
N ASN B 184 -7.65 -19.92 -41.11
CA ASN B 184 -7.44 -19.11 -42.29
C ASN B 184 -8.70 -18.27 -42.59
N PHE B 185 -9.09 -17.47 -41.60
CA PHE B 185 -10.31 -16.68 -41.67
C PHE B 185 -9.94 -15.21 -41.65
N GLU B 186 -10.46 -14.44 -42.62
CA GLU B 186 -10.12 -13.03 -42.72
C GLU B 186 -11.39 -12.19 -42.83
N LYS B 187 -11.41 -11.08 -42.09
CA LYS B 187 -12.52 -10.13 -42.21
C LYS B 187 -12.06 -8.81 -41.62
N GLY B 188 -12.77 -7.73 -42.01
CA GLY B 188 -12.41 -6.40 -41.54
C GLY B 188 -13.65 -5.62 -41.14
N ASN B 189 -13.41 -4.51 -40.45
CA ASN B 189 -14.49 -3.70 -39.91
C ASN B 189 -15.18 -2.81 -40.94
N LEU B 190 -14.70 -2.78 -42.19
CA LEU B 190 -15.46 -2.13 -43.26
C LEU B 190 -16.34 -3.23 -43.82
N LEU B 191 -17.56 -3.30 -43.32
CA LEU B 191 -18.48 -4.38 -43.64
C LEU B 191 -19.00 -4.25 -45.07
N PRO B 192 -19.45 -5.37 -45.65
CA PRO B 192 -19.92 -5.34 -47.05
C PRO B 192 -21.08 -4.41 -47.29
N ASN B 193 -21.84 -4.01 -46.27
CA ASN B 193 -22.92 -3.05 -46.48
C ASN B 193 -22.55 -1.63 -46.11
N LEU B 194 -21.28 -1.35 -45.80
CA LEU B 194 -20.83 0.01 -45.63
C LEU B 194 -20.63 0.62 -47.00
N THR B 195 -21.26 1.76 -47.25
CA THR B 195 -21.24 2.38 -48.56
C THR B 195 -20.58 3.75 -48.50
N ALA B 196 -20.13 4.23 -49.67
CA ALA B 196 -19.62 5.60 -49.75
C ALA B 196 -20.67 6.57 -49.23
N ARG B 197 -21.93 6.29 -49.54
CA ARG B 197 -23.02 7.09 -49.01
C ARG B 197 -22.93 7.17 -47.50
N ASP B 198 -22.74 6.03 -46.85
CA ASP B 198 -22.56 5.99 -45.41
C ASP B 198 -21.37 6.83 -44.97
N MET B 199 -20.24 6.65 -45.65
CA MET B 199 -19.01 7.33 -45.27
C MET B 199 -19.14 8.85 -45.33
N LYS B 200 -19.98 9.38 -46.22
CA LYS B 200 -20.04 10.84 -46.30
C LYS B 200 -20.61 11.48 -45.03
N THR B 201 -21.41 10.75 -44.25
CA THR B 201 -22.05 11.40 -43.10
C THR B 201 -22.19 10.55 -41.84
N CYS B 202 -21.85 9.26 -41.86
CA CYS B 202 -22.10 8.45 -40.68
C CYS B 202 -21.16 8.84 -39.55
N ARG B 203 -21.61 8.58 -38.32
CA ARG B 203 -20.79 8.74 -37.12
C ARG B 203 -21.13 7.60 -36.17
N PHE B 204 -20.10 6.92 -35.67
CA PHE B 204 -20.32 5.77 -34.80
C PHE B 204 -21.21 6.14 -33.62
N HIS B 205 -22.12 5.23 -33.29
CA HIS B 205 -22.92 5.31 -32.08
C HIS B 205 -23.25 3.88 -31.66
N PRO B 206 -23.13 3.57 -30.36
CA PRO B 206 -23.26 2.15 -29.95
C PRO B 206 -24.60 1.55 -30.30
N ASP B 207 -25.65 2.36 -30.42
CA ASP B 207 -26.98 1.85 -30.73
C ASP B 207 -27.46 2.24 -32.12
N LYS B 208 -27.34 3.52 -32.48
CA LYS B 208 -27.92 4.00 -33.72
C LYS B 208 -27.11 3.58 -34.94
N ASP B 209 -25.78 3.53 -34.82
CA ASP B 209 -24.90 3.16 -35.93
C ASP B 209 -23.68 2.44 -35.39
N PRO B 210 -23.81 1.15 -35.08
CA PRO B 210 -22.70 0.42 -34.46
C PRO B 210 -21.55 0.07 -35.39
N PHE B 211 -21.70 0.18 -36.71
CA PHE B 211 -20.65 -0.26 -37.62
C PHE B 211 -20.02 0.86 -38.44
N CYS B 212 -20.28 2.12 -38.11
CA CYS B 212 -19.64 3.23 -38.80
C CYS B 212 -18.22 3.42 -38.31
N PRO B 213 -17.22 3.42 -39.19
CA PRO B 213 -15.82 3.48 -38.75
C PRO B 213 -15.34 4.90 -38.45
N ILE B 214 -16.20 5.90 -38.57
CA ILE B 214 -15.85 7.29 -38.26
C ILE B 214 -16.35 7.56 -36.85
N LEU B 215 -15.44 7.92 -35.95
CA LEU B 215 -15.78 8.22 -34.56
C LEU B 215 -15.49 9.69 -34.28
N ARG B 216 -16.44 10.37 -33.66
CA ARG B 216 -16.21 11.75 -33.25
C ARG B 216 -15.41 11.75 -31.94
N VAL B 217 -14.35 12.56 -31.91
CA VAL B 217 -13.48 12.58 -30.73
C VAL B 217 -14.30 12.80 -29.46
N GLY B 218 -15.16 13.83 -29.46
CA GLY B 218 -15.98 14.08 -28.29
C GLY B 218 -16.83 12.88 -27.90
N ASP B 219 -17.35 12.16 -28.90
CA ASP B 219 -18.15 10.98 -28.60
C ASP B 219 -17.30 9.92 -27.90
N VAL B 220 -16.08 9.71 -28.38
CA VAL B 220 -15.17 8.76 -27.74
C VAL B 220 -14.89 9.20 -26.29
N VAL B 221 -14.64 10.48 -26.08
CA VAL B 221 -14.38 10.96 -24.73
C VAL B 221 -15.56 10.66 -23.82
N LYS B 222 -16.78 10.90 -24.31
CA LYS B 222 -17.95 10.63 -23.47
C LYS B 222 -18.11 9.13 -23.21
N PHE B 223 -17.98 8.31 -24.26
CA PHE B 223 -18.11 6.86 -24.11
C PHE B 223 -17.18 6.33 -23.03
N ALA B 224 -16.03 6.97 -22.84
CA ALA B 224 -15.08 6.63 -21.80
C ALA B 224 -15.39 7.32 -20.47
N GLY B 225 -16.54 7.97 -20.36
CA GLY B 225 -16.92 8.63 -19.13
C GLY B 225 -15.98 9.74 -18.71
N GLN B 226 -15.58 10.59 -19.66
CA GLN B 226 -14.61 11.63 -19.38
C GLN B 226 -15.15 12.99 -19.82
N ASP B 227 -14.52 14.05 -19.31
CA ASP B 227 -14.91 15.42 -19.59
C ASP B 227 -13.87 16.04 -20.52
N PHE B 228 -14.27 16.34 -21.76
CA PHE B 228 -13.33 16.88 -22.72
C PHE B 228 -12.60 18.12 -22.18
N ALA B 229 -13.32 19.00 -21.49
CA ALA B 229 -12.70 20.22 -21.00
C ALA B 229 -11.50 19.92 -20.12
N LYS B 230 -11.60 18.89 -19.28
CA LYS B 230 -10.52 18.53 -18.38
C LYS B 230 -9.45 17.69 -19.09
N LEU B 231 -9.89 16.66 -19.81
CA LEU B 231 -8.95 15.79 -20.50
C LEU B 231 -8.06 16.56 -21.46
N ALA B 232 -8.63 17.55 -22.15
CA ALA B 232 -7.86 18.33 -23.11
C ALA B 232 -6.87 19.26 -22.44
N ARG B 233 -7.04 19.54 -21.14
CA ARG B 233 -6.09 20.40 -20.45
C ARG B 233 -5.00 19.60 -19.75
N THR B 234 -5.33 18.45 -19.16
CA THR B 234 -4.32 17.61 -18.55
C THR B 234 -3.69 16.63 -19.52
N GLY B 235 -4.36 16.29 -20.60
CA GLY B 235 -3.97 15.17 -21.43
C GLY B 235 -4.39 13.85 -20.83
N GLY B 236 -4.38 12.81 -21.66
CA GLY B 236 -4.74 11.49 -21.20
C GLY B 236 -4.64 10.48 -22.33
N VAL B 237 -4.99 9.24 -21.99
CA VAL B 237 -4.91 8.12 -22.92
C VAL B 237 -6.28 7.45 -22.97
N LEU B 238 -6.86 7.37 -24.16
CA LEU B 238 -8.13 6.68 -24.36
C LEU B 238 -7.90 5.42 -25.19
N GLY B 239 -8.56 4.35 -24.79
CA GLY B 239 -8.51 3.09 -25.49
C GLY B 239 -9.82 2.84 -26.23
N ILE B 240 -9.68 2.54 -27.52
CA ILE B 240 -10.75 2.07 -28.38
C ILE B 240 -10.51 0.59 -28.61
N LYS B 241 -11.31 -0.25 -27.95
CA LYS B 241 -11.17 -1.70 -28.05
C LYS B 241 -12.08 -2.23 -29.15
N ILE B 242 -11.51 -3.01 -30.06
CA ILE B 242 -12.25 -3.66 -31.13
C ILE B 242 -12.15 -5.17 -30.89
N GLY B 243 -13.29 -5.80 -30.59
CA GLY B 243 -13.33 -7.20 -30.23
C GLY B 243 -14.01 -8.03 -31.31
N TRP B 244 -13.34 -9.10 -31.71
CA TRP B 244 -13.85 -10.06 -32.70
C TRP B 244 -14.08 -11.41 -32.01
N VAL B 245 -15.29 -11.59 -31.49
CA VAL B 245 -15.69 -12.84 -30.84
C VAL B 245 -16.65 -13.55 -31.79
N CYS B 246 -16.15 -14.56 -32.50
CA CYS B 246 -16.84 -15.11 -33.65
C CYS B 246 -16.98 -16.62 -33.55
N ASP B 247 -18.18 -17.11 -33.87
CA ASP B 247 -18.48 -18.55 -33.93
C ASP B 247 -18.45 -18.98 -35.39
N LEU B 248 -17.34 -19.58 -35.82
CA LEU B 248 -17.18 -19.96 -37.22
C LEU B 248 -18.07 -21.10 -37.65
N ASP B 249 -18.96 -21.60 -36.77
CA ASP B 249 -20.01 -22.51 -37.22
C ASP B 249 -21.12 -21.76 -37.93
N LYS B 250 -21.28 -20.47 -37.62
CA LYS B 250 -22.26 -19.62 -38.28
C LYS B 250 -21.64 -19.04 -39.56
N ALA B 251 -22.39 -18.16 -40.22
CA ALA B 251 -21.95 -17.62 -41.50
C ALA B 251 -20.89 -16.55 -41.31
N TRP B 252 -19.98 -16.47 -42.28
CA TRP B 252 -18.96 -15.42 -42.33
C TRP B 252 -19.53 -14.06 -41.97
N ASP B 253 -20.74 -13.77 -42.47
CA ASP B 253 -21.35 -12.45 -42.25
C ASP B 253 -21.88 -12.25 -40.84
N GLN B 254 -21.85 -13.28 -39.99
CA GLN B 254 -22.24 -13.12 -38.59
C GLN B 254 -21.09 -12.69 -37.70
N CYS B 255 -19.86 -12.70 -38.21
CA CYS B 255 -18.65 -12.33 -37.48
C CYS B 255 -18.49 -10.82 -37.56
N ILE B 256 -18.81 -10.10 -36.48
CA ILE B 256 -18.88 -8.65 -36.50
C ILE B 256 -18.08 -8.04 -35.34
N PRO B 257 -17.44 -6.90 -35.55
CA PRO B 257 -16.66 -6.27 -34.46
C PRO B 257 -17.54 -5.58 -33.43
N LYS B 258 -17.05 -5.55 -32.20
CA LYS B 258 -17.67 -4.79 -31.11
C LYS B 258 -16.71 -3.72 -30.61
N TYR B 259 -17.24 -2.55 -30.32
CA TYR B 259 -16.42 -1.39 -29.94
C TYR B 259 -16.66 -1.09 -28.46
N SER B 260 -15.58 -1.02 -27.69
CA SER B 260 -15.59 -0.62 -26.29
C SER B 260 -14.69 0.59 -26.14
N PHE B 261 -14.96 1.40 -25.11
CA PHE B 261 -14.15 2.58 -24.87
C PHE B 261 -13.78 2.68 -23.41
N THR B 262 -12.56 3.13 -23.14
CA THR B 262 -12.11 3.23 -21.76
C THR B 262 -11.00 4.26 -21.68
N ARG B 263 -10.71 4.72 -20.47
CA ARG B 263 -9.52 5.52 -20.22
C ARG B 263 -8.45 4.62 -19.66
N LEU B 264 -7.31 4.53 -20.35
CA LEU B 264 -6.29 3.56 -19.98
C LEU B 264 -5.38 4.06 -18.87
N ASP B 265 -5.08 5.36 -18.86
CA ASP B 265 -4.20 5.93 -17.84
C ASP B 265 -4.99 6.26 -16.57
N SER B 266 -5.52 5.21 -15.95
CA SER B 266 -6.35 5.38 -14.76
C SER B 266 -5.54 5.89 -13.57
N VAL B 267 -4.25 5.55 -13.50
CA VAL B 267 -3.42 6.03 -12.41
C VAL B 267 -3.38 7.55 -12.39
N SER B 268 -3.68 8.21 -13.51
CA SER B 268 -3.67 9.66 -13.54
C SER B 268 -4.86 10.21 -12.77
N GLU B 269 -6.03 9.58 -12.91
CA GLU B 269 -7.18 10.00 -12.12
C GLU B 269 -7.04 9.57 -10.67
N LYS B 270 -6.35 8.45 -10.40
CA LYS B 270 -6.25 7.98 -9.02
C LYS B 270 -5.02 8.48 -8.27
N SER B 271 -4.03 9.05 -8.95
CA SER B 271 -2.81 9.51 -8.30
C SER B 271 -2.60 11.00 -8.60
N SER B 272 -2.22 11.75 -7.56
CA SER B 272 -1.98 13.19 -7.69
C SER B 272 -0.59 13.55 -8.23
N VAL B 273 0.33 12.59 -8.37
CA VAL B 273 1.70 12.97 -8.66
C VAL B 273 1.92 13.26 -10.15
N SER B 274 1.14 12.64 -11.03
CA SER B 274 1.31 12.83 -12.49
C SER B 274 -0.06 12.69 -13.12
N PRO B 275 -0.77 13.79 -13.31
CA PRO B 275 -2.22 13.73 -13.56
C PRO B 275 -2.68 13.56 -15.00
N GLY B 276 -1.82 13.73 -15.99
CA GLY B 276 -2.30 13.67 -17.37
C GLY B 276 -1.32 13.06 -18.34
N TYR B 277 -1.14 13.70 -19.49
CA TYR B 277 -0.22 13.19 -20.50
C TYR B 277 0.32 14.37 -21.28
N ASN B 278 1.65 14.55 -21.26
CA ASN B 278 2.27 15.60 -22.04
C ASN B 278 3.67 15.16 -22.45
N PHE B 279 4.24 15.86 -23.42
CA PHE B 279 5.58 15.56 -23.90
C PHE B 279 6.13 16.78 -24.61
N ARG B 280 7.44 16.82 -24.78
CA ARG B 280 8.12 17.96 -25.37
C ARG B 280 8.85 17.57 -26.65
N PHE B 281 8.80 18.46 -27.63
CA PHE B 281 9.58 18.29 -28.86
C PHE B 281 9.89 19.68 -29.41
N ALA B 282 10.74 19.73 -30.43
CA ALA B 282 11.18 21.00 -30.97
C ALA B 282 11.14 20.98 -32.49
N LYS B 283 10.80 22.12 -33.08
CA LYS B 283 11.00 22.34 -34.51
C LYS B 283 12.33 23.05 -34.71
N TYR B 284 13.17 22.48 -35.57
CA TYR B 284 14.54 22.95 -35.74
C TYR B 284 14.70 23.75 -37.03
N TYR B 285 15.37 24.89 -36.92
CA TYR B 285 15.62 25.81 -38.02
C TYR B 285 17.07 26.29 -37.96
N LYS B 286 17.53 26.87 -39.06
CA LYS B 286 18.79 27.60 -39.06
C LYS B 286 18.71 28.75 -40.06
N MET B 287 19.45 29.81 -39.74
CA MET B 287 19.50 31.01 -40.57
C MET B 287 20.44 30.80 -41.76
N GLU B 288 20.50 31.80 -42.64
CA GLU B 288 21.57 31.84 -43.65
C GLU B 288 22.93 31.77 -42.96
N ASN B 289 23.05 32.46 -41.83
CA ASN B 289 24.14 32.36 -40.87
C ASN B 289 24.34 30.93 -40.42
N GLY B 290 25.52 30.64 -39.88
CA GLY B 290 25.79 29.29 -39.39
C GLY B 290 24.87 28.89 -38.25
N SER B 291 24.39 29.86 -37.47
CA SER B 291 23.77 29.57 -36.19
C SER B 291 22.45 28.82 -36.35
N GLU B 292 22.15 27.98 -35.36
CA GLU B 292 20.95 27.18 -35.31
C GLU B 292 19.97 27.78 -34.30
N TYR B 293 18.68 27.60 -34.55
CA TYR B 293 17.68 27.99 -33.56
C TYR B 293 16.49 27.06 -33.68
N ARG B 294 15.68 27.00 -32.63
CA ARG B 294 14.59 26.05 -32.58
C ARG B 294 13.42 26.63 -31.80
N THR B 295 12.23 26.13 -32.09
CA THR B 295 11.04 26.38 -31.29
C THR B 295 10.75 25.17 -30.42
N LEU B 296 10.66 25.40 -29.11
CA LEU B 296 10.36 24.33 -28.17
C LEU B 296 8.85 24.30 -27.91
N LEU B 297 8.31 23.09 -27.83
CA LEU B 297 6.88 22.89 -27.64
C LEU B 297 6.65 21.85 -26.55
N LYS B 298 5.84 22.23 -25.56
CA LYS B 298 5.31 21.28 -24.59
C LYS B 298 3.86 21.02 -24.95
N ALA B 299 3.59 19.83 -25.48
CA ALA B 299 2.29 19.43 -26.00
C ALA B 299 1.52 18.58 -24.99
N PHE B 300 0.27 18.95 -24.76
CA PHE B 300 -0.73 18.15 -24.06
C PHE B 300 -1.77 17.69 -25.06
N GLY B 301 -2.15 16.42 -24.96
CA GLY B 301 -3.17 15.93 -25.87
C GLY B 301 -3.76 14.62 -25.38
N ILE B 302 -4.67 14.09 -26.19
CA ILE B 302 -5.29 12.80 -25.96
C ILE B 302 -4.58 11.79 -26.85
N ARG B 303 -3.99 10.78 -26.25
CA ARG B 303 -3.46 9.65 -27.01
C ARG B 303 -4.53 8.57 -27.15
N PHE B 304 -4.78 8.17 -28.38
CA PHE B 304 -5.69 7.07 -28.69
C PHE B 304 -4.86 5.86 -29.09
N ASP B 305 -5.17 4.70 -28.51
CA ASP B 305 -4.66 3.44 -29.06
C ASP B 305 -5.83 2.51 -29.35
N VAL B 306 -5.83 1.95 -30.56
CA VAL B 306 -6.82 0.98 -30.98
C VAL B 306 -6.34 -0.39 -30.53
N LEU B 307 -7.10 -1.02 -29.63
CA LEU B 307 -6.75 -2.33 -29.10
C LEU B 307 -7.66 -3.37 -29.76
N VAL B 308 -7.06 -4.32 -30.48
CA VAL B 308 -7.80 -5.33 -31.22
C VAL B 308 -7.62 -6.66 -30.51
N TYR B 309 -8.73 -7.28 -30.14
CA TYR B 309 -8.72 -8.60 -29.51
C TYR B 309 -9.81 -9.45 -30.15
N GLY B 310 -9.74 -10.75 -29.90
CA GLY B 310 -10.80 -11.63 -30.37
C GLY B 310 -10.38 -13.07 -30.24
N ASN B 311 -11.38 -13.95 -30.37
CA ASN B 311 -11.14 -15.37 -30.46
C ASN B 311 -12.25 -16.00 -31.28
N ALA B 312 -11.89 -16.98 -32.11
CA ALA B 312 -12.84 -17.68 -32.95
C ALA B 312 -12.86 -19.15 -32.56
N GLY B 313 -14.01 -19.77 -32.76
CA GLY B 313 -14.15 -21.20 -32.50
C GLY B 313 -14.85 -21.88 -33.65
N LYS B 314 -14.43 -23.12 -33.93
CA LYS B 314 -15.07 -23.91 -34.97
C LYS B 314 -15.19 -25.35 -34.52
N PHE B 315 -16.20 -26.05 -35.06
CA PHE B 315 -16.37 -27.46 -34.76
C PHE B 315 -15.16 -28.27 -35.22
N ASN B 316 -14.76 -29.24 -34.39
CA ASN B 316 -13.71 -30.18 -34.75
C ASN B 316 -14.01 -31.50 -34.04
N ILE B 317 -13.59 -32.61 -34.66
CA ILE B 317 -14.01 -33.92 -34.19
C ILE B 317 -13.27 -34.34 -32.93
N ILE B 318 -11.96 -34.09 -32.86
CA ILE B 318 -11.16 -34.57 -31.73
C ILE B 318 -11.79 -34.12 -30.42
N PRO B 319 -11.92 -32.82 -30.17
CA PRO B 319 -12.51 -32.38 -28.89
C PRO B 319 -13.93 -32.85 -28.67
N THR B 320 -14.72 -33.03 -29.73
CA THR B 320 -16.08 -33.55 -29.56
C THR B 320 -16.07 -34.98 -29.04
N ILE B 321 -15.29 -35.86 -29.68
CA ILE B 321 -15.18 -37.24 -29.21
C ILE B 321 -14.63 -37.28 -27.80
N ILE B 322 -13.51 -36.60 -27.55
CA ILE B 322 -12.90 -36.62 -26.23
C ILE B 322 -13.89 -36.14 -25.16
N SER B 323 -14.64 -35.08 -25.47
CA SER B 323 -15.57 -34.54 -24.49
C SER B 323 -16.74 -35.48 -24.24
N SER B 324 -17.28 -36.09 -25.29
CA SER B 324 -18.37 -37.04 -25.10
C SER B 324 -17.90 -38.26 -24.29
N VAL B 325 -16.69 -38.74 -24.58
CA VAL B 325 -16.09 -39.79 -23.75
C VAL B 325 -16.04 -39.36 -22.30
N ALA B 326 -15.67 -38.10 -22.05
CA ALA B 326 -15.68 -37.60 -20.68
C ALA B 326 -17.10 -37.58 -20.09
N ALA B 327 -18.11 -37.33 -20.92
CA ALA B 327 -19.50 -37.37 -20.45
C ALA B 327 -19.87 -38.77 -19.98
N PHE B 328 -19.71 -39.75 -20.87
CA PHE B 328 -20.08 -41.12 -20.53
C PHE B 328 -19.27 -41.62 -19.33
N THR B 329 -17.96 -41.36 -19.32
CA THR B 329 -17.15 -41.73 -18.16
C THR B 329 -17.68 -41.10 -16.89
N SER B 330 -18.15 -39.85 -16.96
CA SER B 330 -18.60 -39.16 -15.76
C SER B 330 -20.00 -39.60 -15.31
N VAL B 331 -20.79 -40.20 -16.19
CA VAL B 331 -22.14 -40.61 -15.82
C VAL B 331 -22.16 -41.54 -14.60
N GLY B 332 -21.04 -42.22 -14.31
CA GLY B 332 -21.02 -43.15 -13.20
C GLY B 332 -21.06 -42.50 -11.83
N VAL B 333 -20.51 -41.29 -11.70
CA VAL B 333 -20.26 -40.67 -10.40
C VAL B 333 -21.48 -40.66 -9.49
N GLY B 334 -22.68 -40.80 -10.06
CA GLY B 334 -23.88 -40.84 -9.24
C GLY B 334 -23.92 -41.99 -8.25
N THR B 335 -23.07 -43.00 -8.45
CA THR B 335 -23.18 -44.22 -7.66
C THR B 335 -22.88 -44.00 -6.19
N VAL B 336 -22.04 -43.02 -5.84
CA VAL B 336 -21.78 -42.77 -4.43
C VAL B 336 -23.03 -42.24 -3.74
N LEU B 337 -23.72 -41.30 -4.38
CA LEU B 337 -24.93 -40.75 -3.80
C LEU B 337 -26.05 -41.80 -3.75
N CYS B 338 -26.35 -42.42 -4.89
CA CYS B 338 -27.36 -43.47 -4.91
C CYS B 338 -27.01 -44.60 -3.95
N ASP B 339 -25.72 -44.84 -3.71
CA ASP B 339 -25.32 -45.86 -2.74
C ASP B 339 -25.67 -45.43 -1.33
N ILE B 340 -25.29 -44.21 -0.94
CA ILE B 340 -25.67 -43.72 0.40
C ILE B 340 -27.18 -43.84 0.58
N ILE B 341 -27.94 -43.34 -0.39
CA ILE B 341 -29.40 -43.40 -0.32
C ILE B 341 -29.87 -44.83 -0.11
N LEU B 342 -29.50 -45.72 -1.04
CA LEU B 342 -29.98 -47.10 -1.01
C LEU B 342 -29.64 -47.79 0.29
N LEU B 343 -28.38 -47.69 0.72
CA LEU B 343 -27.90 -48.41 1.89
C LEU B 343 -28.36 -47.82 3.21
N ASN B 344 -28.83 -46.57 3.23
CA ASN B 344 -29.11 -45.93 4.51
C ASN B 344 -30.52 -45.36 4.68
N PHE B 345 -31.37 -45.36 3.65
CA PHE B 345 -32.62 -44.60 3.80
C PHE B 345 -33.83 -45.27 3.12
N LEU B 346 -33.82 -46.59 2.96
CA LEU B 346 -34.92 -47.25 2.25
C LEU B 346 -35.70 -48.24 3.10
N LYS B 347 -35.47 -48.29 4.41
CA LYS B 347 -36.23 -49.17 5.30
C LYS B 347 -35.95 -50.64 5.03
N GLY B 348 -35.41 -50.96 3.85
CA GLY B 348 -34.94 -52.29 3.55
C GLY B 348 -33.43 -52.33 3.53
N ALA B 349 -32.80 -51.32 4.12
CA ALA B 349 -31.37 -51.13 3.99
C ALA B 349 -30.58 -52.33 4.49
N ASP B 350 -30.99 -52.89 5.64
CA ASP B 350 -30.22 -53.98 6.24
C ASP B 350 -30.04 -55.14 5.27
N GLN B 351 -31.12 -55.54 4.59
CA GLN B 351 -31.02 -56.62 3.62
C GLN B 351 -30.04 -56.28 2.50
N TYR B 352 -30.12 -55.05 1.98
CA TYR B 352 -29.22 -54.67 0.90
C TYR B 352 -27.77 -54.69 1.34
N LYS B 353 -27.48 -54.16 2.54
CA LYS B 353 -26.13 -54.26 3.08
C LYS B 353 -25.69 -55.71 3.19
N ALA B 354 -26.60 -56.59 3.58
CA ALA B 354 -26.26 -58.01 3.71
C ALA B 354 -25.92 -58.62 2.35
N LYS B 355 -26.73 -58.31 1.33
CA LYS B 355 -26.49 -58.87 0.00
C LYS B 355 -25.22 -58.32 -0.64
N LYS B 356 -24.88 -57.05 -0.37
CA LYS B 356 -23.77 -56.42 -1.06
C LYS B 356 -22.42 -56.71 -0.41
N PHE B 357 -22.35 -56.66 0.93
CA PHE B 357 -21.09 -56.80 1.64
C PHE B 357 -20.94 -58.20 2.23
N GLU B 358 -19.75 -58.77 2.06
CA GLU B 358 -19.37 -60.02 2.70
C GLU B 358 -18.13 -59.76 3.54
N GLU B 359 -18.29 -59.75 4.86
CA GLU B 359 -17.14 -59.51 5.73
C GLU B 359 -16.19 -60.69 5.68
N VAL B 360 -14.92 -60.42 5.97
CA VAL B 360 -13.88 -61.44 5.88
C VAL B 360 -12.81 -61.16 6.93
N ASN B 361 -12.17 -62.23 7.38
CA ASN B 361 -11.12 -62.14 8.39
C ASN B 361 -10.11 -63.24 8.12
N GLU B 362 -8.87 -63.01 8.56
CA GLU B 362 -7.81 -64.03 8.48
C GLU B 362 -6.44 -63.42 8.72
#